data_6K7W
#
_entry.id   6K7W
#
_entity_poly.entity_id   1
_entity_poly.type   'polypeptide(L)'
_entity_poly.pdbx_seq_one_letter_code
;TPELALDWRQSAEEVIVKLRVGVGPLQLEDVDAAFTDTDCVVRFAGGQQWGGVFYAEIKSSCAKVQTRKGSLLHLTLPKK
VPMLTWPSLLVE
;
_entity_poly.pdbx_strand_id   A
#
# COMPACT_ATOMS: atom_id res chain seq x y z
N THR A 1 12.33 7.04 2.41
CA THR A 1 11.54 7.91 1.53
C THR A 1 12.48 8.71 0.63
N PRO A 2 12.82 8.16 -0.54
CA PRO A 2 13.84 8.72 -1.41
C PRO A 2 13.37 9.96 -2.15
N GLU A 3 14.31 10.81 -2.49
CA GLU A 3 14.03 12.00 -3.25
C GLU A 3 14.15 11.70 -4.73
N LEU A 4 14.47 10.44 -5.03
CA LEU A 4 14.60 9.96 -6.39
C LEU A 4 13.28 9.35 -6.84
N ALA A 5 12.62 8.62 -5.95
CA ALA A 5 11.39 7.92 -6.31
C ALA A 5 10.46 7.73 -5.11
N LEU A 6 10.24 6.47 -4.72
CA LEU A 6 9.23 6.13 -3.73
C LEU A 6 9.76 5.04 -2.82
N ASP A 7 9.35 5.05 -1.56
CA ASP A 7 9.83 4.02 -0.66
C ASP A 7 8.72 3.11 -0.21
N TRP A 8 8.93 1.82 -0.39
CA TRP A 8 8.02 0.80 0.07
C TRP A 8 8.86 -0.30 0.64
N ARG A 9 8.24 -1.13 1.43
CA ARG A 9 8.90 -2.29 1.91
C ARG A 9 7.90 -3.36 2.26
N GLN A 10 8.28 -4.58 2.11
CA GLN A 10 7.57 -5.65 2.75
C GLN A 10 8.52 -6.44 3.62
N SER A 11 8.07 -6.74 4.81
CA SER A 11 8.84 -7.50 5.75
C SER A 11 7.89 -8.48 6.41
N ALA A 12 8.41 -9.36 7.24
CA ALA A 12 7.61 -10.35 7.92
C ALA A 12 6.52 -9.72 8.79
N GLU A 13 6.64 -8.43 8.95
CA GLU A 13 5.83 -7.68 9.88
C GLU A 13 4.77 -6.81 9.20
N GLU A 14 5.10 -6.23 8.05
CA GLU A 14 4.28 -5.16 7.50
C GLU A 14 4.58 -4.90 6.03
N VAL A 15 3.55 -4.44 5.29
CA VAL A 15 3.77 -3.91 3.97
C VAL A 15 3.69 -2.40 4.06
N ILE A 16 4.77 -1.79 3.68
CA ILE A 16 4.88 -0.35 3.68
C ILE A 16 4.93 0.19 2.28
N VAL A 17 4.07 1.13 2.00
CA VAL A 17 4.16 1.89 0.76
C VAL A 17 4.11 3.37 1.10
N LYS A 18 5.14 4.08 0.69
CA LYS A 18 5.21 5.51 0.88
C LYS A 18 5.37 6.17 -0.47
N LEU A 19 4.41 7.01 -0.82
CA LEU A 19 4.34 7.54 -2.15
C LEU A 19 4.36 9.05 -2.08
N ARG A 20 5.10 9.66 -2.98
CA ARG A 20 5.19 11.10 -3.00
C ARG A 20 4.22 11.66 -4.02
N VAL A 21 3.46 12.64 -3.61
CA VAL A 21 2.41 13.19 -4.43
C VAL A 21 2.85 14.47 -5.13
N GLY A 22 2.87 14.39 -6.45
CA GLY A 22 3.13 15.55 -7.27
C GLY A 22 1.94 15.85 -8.12
N VAL A 23 0.79 15.36 -7.68
CA VAL A 23 -0.41 15.42 -8.49
C VAL A 23 -1.16 16.74 -8.25
N GLY A 24 -0.40 17.76 -7.93
CA GLY A 24 -0.97 19.03 -7.55
C GLY A 24 -1.29 19.04 -6.07
N PRO A 25 -2.54 19.33 -5.71
CA PRO A 25 -2.96 19.39 -4.31
C PRO A 25 -3.16 18.02 -3.69
N LEU A 26 -2.79 17.93 -2.42
CA LEU A 26 -3.03 16.76 -1.63
C LEU A 26 -4.42 16.83 -1.05
N GLN A 27 -5.24 15.89 -1.46
CA GLN A 27 -6.59 15.77 -0.98
C GLN A 27 -6.76 14.40 -0.36
N LEU A 28 -7.76 14.25 0.49
CA LEU A 28 -7.96 13.03 1.29
C LEU A 28 -8.07 11.79 0.41
N GLU A 29 -8.45 12.01 -0.84
CA GLU A 29 -8.61 10.93 -1.80
C GLU A 29 -7.28 10.33 -2.25
N ASP A 30 -6.18 10.85 -1.77
CA ASP A 30 -4.91 10.68 -2.42
C ASP A 30 -4.33 9.29 -2.20
N VAL A 31 -4.91 8.54 -1.28
CA VAL A 31 -4.77 7.09 -1.31
C VAL A 31 -6.14 6.44 -1.28
N ASP A 32 -6.45 5.67 -2.29
CA ASP A 32 -7.65 4.87 -2.27
C ASP A 32 -7.27 3.41 -2.10
N ALA A 33 -7.42 2.90 -0.90
CA ALA A 33 -6.96 1.56 -0.62
C ALA A 33 -8.15 0.64 -0.35
N ALA A 34 -8.27 -0.41 -1.13
CA ALA A 34 -9.36 -1.36 -0.94
C ALA A 34 -8.81 -2.66 -0.42
N PHE A 35 -9.21 -3.08 0.75
CA PHE A 35 -8.65 -4.29 1.30
C PHE A 35 -9.75 -5.27 1.66
N THR A 36 -9.61 -6.46 1.13
CA THR A 36 -10.59 -7.50 1.28
C THR A 36 -9.95 -8.68 1.96
N ASP A 37 -10.78 -9.64 2.35
CA ASP A 37 -10.31 -10.80 3.07
C ASP A 37 -9.43 -11.63 2.18
N THR A 38 -9.46 -11.33 0.89
CA THR A 38 -8.66 -12.05 -0.04
C THR A 38 -7.99 -11.14 -1.08
N ASP A 39 -8.02 -9.82 -0.91
CA ASP A 39 -7.30 -8.96 -1.85
C ASP A 39 -7.09 -7.56 -1.32
N CYS A 40 -6.28 -6.78 -2.04
CA CYS A 40 -5.93 -5.43 -1.61
C CYS A 40 -5.64 -4.51 -2.79
N VAL A 41 -5.98 -3.25 -2.59
CA VAL A 41 -5.73 -2.19 -3.55
C VAL A 41 -5.13 -1.01 -2.84
N VAL A 42 -4.12 -0.51 -3.47
CA VAL A 42 -3.47 0.69 -3.07
C VAL A 42 -3.62 1.67 -4.20
N ARG A 43 -4.19 2.80 -3.94
CA ARG A 43 -4.34 3.74 -5.01
C ARG A 43 -3.76 5.10 -4.68
N PHE A 44 -3.00 5.61 -5.62
CA PHE A 44 -2.49 6.97 -5.56
C PHE A 44 -3.49 7.91 -6.23
N ALA A 45 -3.43 9.19 -5.87
CA ALA A 45 -4.35 10.18 -6.44
C ALA A 45 -4.28 10.21 -7.96
N GLY A 46 -3.13 9.86 -8.51
CA GLY A 46 -2.96 9.78 -9.95
C GLY A 46 -3.19 8.38 -10.47
N GLY A 47 -2.14 7.76 -11.02
CA GLY A 47 -2.26 6.41 -11.54
C GLY A 47 -1.23 5.47 -10.96
N GLN A 48 -0.83 5.74 -9.73
CA GLN A 48 0.15 4.97 -9.02
C GLN A 48 -0.55 4.06 -8.02
N GLN A 49 -0.98 2.93 -8.52
CA GLN A 49 -1.87 2.06 -7.81
C GLN A 49 -1.36 0.62 -7.86
N TRP A 50 -1.39 0.00 -6.70
CA TRP A 50 -0.69 -1.23 -6.39
C TRP A 50 -1.62 -2.05 -5.54
N GLY A 51 -1.29 -3.26 -5.24
CA GLY A 51 -2.17 -4.04 -4.44
C GLY A 51 -1.64 -5.41 -4.14
N GLY A 52 -2.53 -6.29 -3.77
CA GLY A 52 -2.18 -7.67 -3.53
C GLY A 52 -3.40 -8.56 -3.58
N VAL A 53 -3.18 -9.84 -3.76
CA VAL A 53 -4.27 -10.75 -3.92
C VAL A 53 -4.00 -11.99 -3.08
N PHE A 54 -5.00 -12.40 -2.34
CA PHE A 54 -4.90 -13.50 -1.44
C PHE A 54 -6.03 -14.47 -1.73
N TYR A 55 -5.88 -15.67 -1.28
CA TYR A 55 -6.92 -16.67 -1.46
C TYR A 55 -7.77 -16.79 -0.22
N ALA A 56 -7.32 -16.20 0.86
CA ALA A 56 -7.92 -16.49 2.13
C ALA A 56 -7.61 -15.44 3.16
N GLU A 57 -8.39 -15.56 4.21
CA GLU A 57 -8.17 -14.97 5.56
C GLU A 57 -8.21 -13.46 5.61
N ILE A 58 -7.20 -12.87 5.02
CA ILE A 58 -6.75 -11.50 5.31
C ILE A 58 -7.89 -10.51 5.60
N LYS A 59 -8.24 -10.37 6.87
CA LYS A 59 -9.05 -9.24 7.31
C LYS A 59 -8.34 -8.55 8.44
N SER A 60 -7.30 -9.21 8.88
CA SER A 60 -6.31 -8.64 9.74
C SER A 60 -5.38 -7.74 8.94
N SER A 61 -5.02 -8.22 7.77
CA SER A 61 -4.30 -7.43 6.79
C SER A 61 -5.26 -6.48 6.10
N CYS A 62 -6.56 -6.66 6.38
CA CYS A 62 -7.55 -5.71 5.90
C CYS A 62 -7.45 -4.49 6.75
N ALA A 63 -6.76 -4.66 7.87
CA ALA A 63 -6.48 -3.57 8.70
C ALA A 63 -5.35 -2.76 8.06
N LYS A 64 -5.62 -1.53 7.72
CA LYS A 64 -4.64 -0.71 7.02
C LYS A 64 -4.66 0.73 7.50
N VAL A 65 -3.50 1.32 7.60
CA VAL A 65 -3.42 2.75 7.89
C VAL A 65 -2.57 3.46 6.87
N GLN A 66 -3.01 4.64 6.46
CA GLN A 66 -2.21 5.45 5.58
C GLN A 66 -2.07 6.87 6.07
N THR A 67 -0.90 7.40 5.83
CA THR A 67 -0.54 8.74 6.23
C THR A 67 -0.55 9.69 5.03
N ARG A 68 -1.23 10.81 5.18
CA ARG A 68 -1.04 11.93 4.28
C ARG A 68 -0.82 13.16 5.12
N LYS A 69 -0.12 14.13 4.58
CA LYS A 69 0.30 15.31 5.35
C LYS A 69 1.10 16.25 4.47
N GLY A 70 1.69 15.68 3.44
CA GLY A 70 2.61 16.41 2.63
C GLY A 70 2.96 15.68 1.36
N SER A 71 4.21 15.26 1.28
CA SER A 71 4.72 14.55 0.11
C SER A 71 4.83 13.05 0.39
N LEU A 72 4.21 12.58 1.46
CA LEU A 72 4.35 11.19 1.86
C LEU A 72 3.00 10.52 2.09
N LEU A 73 2.77 9.44 1.35
CA LEU A 73 1.58 8.60 1.48
C LEU A 73 2.01 7.24 1.98
N HIS A 74 1.57 6.86 3.15
CA HIS A 74 2.17 5.75 3.88
C HIS A 74 1.15 4.69 4.26
N LEU A 75 1.28 3.46 3.80
CA LEU A 75 0.40 2.41 4.22
C LEU A 75 1.13 1.53 5.18
N THR A 76 0.59 1.41 6.39
CA THR A 76 1.01 0.43 7.35
C THR A 76 0.13 -0.80 7.21
N LEU A 77 0.72 -1.86 6.71
CA LEU A 77 -0.03 -3.07 6.44
C LEU A 77 0.48 -4.23 7.29
N PRO A 78 -0.34 -4.71 8.24
CA PRO A 78 -0.02 -5.89 9.05
C PRO A 78 0.32 -7.10 8.17
N LYS A 79 1.16 -7.98 8.70
CA LYS A 79 1.76 -9.04 7.90
C LYS A 79 0.73 -9.92 7.23
N LYS A 80 0.90 -10.04 5.91
CA LYS A 80 0.01 -10.84 5.08
C LYS A 80 0.39 -12.30 5.23
N VAL A 81 1.50 -12.65 4.60
CA VAL A 81 2.10 -13.97 4.73
C VAL A 81 3.59 -13.83 5.00
N PRO A 82 3.99 -14.00 6.26
CA PRO A 82 5.37 -13.84 6.66
C PRO A 82 6.23 -15.04 6.25
N MET A 83 7.46 -14.75 5.82
CA MET A 83 8.48 -15.75 5.46
C MET A 83 8.03 -16.56 4.23
N LEU A 84 7.03 -16.05 3.56
CA LEU A 84 6.48 -16.67 2.38
C LEU A 84 6.76 -15.80 1.18
N THR A 85 7.11 -16.42 0.09
CA THR A 85 7.60 -15.71 -1.06
C THR A 85 6.48 -15.33 -2.02
N TRP A 86 6.30 -14.03 -2.19
CA TRP A 86 5.18 -13.49 -2.93
C TRP A 86 5.51 -13.45 -4.43
N PRO A 87 4.47 -13.60 -5.26
CA PRO A 87 4.61 -13.63 -6.71
C PRO A 87 5.12 -12.31 -7.27
N SER A 88 4.82 -11.23 -6.57
CA SER A 88 5.27 -9.91 -6.92
C SER A 88 5.18 -9.02 -5.69
N LEU A 89 5.75 -7.83 -5.77
CA LEU A 89 5.65 -6.84 -4.70
C LEU A 89 4.21 -6.53 -4.42
N LEU A 90 3.55 -6.22 -5.51
CA LEU A 90 2.15 -5.96 -5.54
C LEU A 90 1.53 -7.00 -6.46
N VAL A 91 0.51 -7.67 -5.98
CA VAL A 91 -0.03 -8.83 -6.70
C VAL A 91 -1.49 -8.62 -6.98
N GLU A 92 -1.81 -7.87 -8.00
CA GLU A 92 -3.17 -7.50 -8.19
C GLU A 92 -3.48 -7.36 -9.68
N THR A 1 13.61 1.05 -4.97
CA THR A 1 12.81 2.23 -4.61
C THR A 1 13.75 3.40 -4.40
N PRO A 2 13.47 4.54 -5.05
CA PRO A 2 14.41 5.64 -5.07
C PRO A 2 14.51 6.32 -3.71
N GLU A 3 15.72 6.65 -3.31
CA GLU A 3 16.00 7.15 -1.97
C GLU A 3 15.62 8.62 -1.82
N LEU A 4 14.33 8.92 -2.06
CA LEU A 4 13.82 10.29 -1.96
C LEU A 4 12.36 10.34 -2.41
N ALA A 5 12.07 9.59 -3.46
CA ALA A 5 10.78 9.65 -4.11
C ALA A 5 9.83 8.56 -3.58
N LEU A 6 10.09 7.31 -3.93
CA LEU A 6 9.23 6.22 -3.51
C LEU A 6 9.98 5.33 -2.54
N ASP A 7 9.34 4.94 -1.45
CA ASP A 7 9.94 3.95 -0.58
C ASP A 7 8.89 3.01 -0.03
N TRP A 8 9.13 1.73 -0.17
CA TRP A 8 8.30 0.70 0.40
C TRP A 8 9.17 -0.24 1.18
N ARG A 9 8.54 -1.07 1.97
CA ARG A 9 9.22 -2.14 2.60
C ARG A 9 8.26 -3.28 2.78
N GLN A 10 8.79 -4.47 2.87
CA GLN A 10 7.99 -5.59 3.29
C GLN A 10 8.72 -6.39 4.35
N SER A 11 8.00 -6.79 5.37
CA SER A 11 8.52 -7.65 6.39
C SER A 11 7.44 -8.69 6.68
N ALA A 12 7.78 -9.67 7.49
CA ALA A 12 6.85 -10.74 7.84
C ALA A 12 5.62 -10.20 8.57
N GLU A 13 5.69 -8.94 8.93
CA GLU A 13 4.75 -8.31 9.82
C GLU A 13 3.87 -7.27 9.11
N GLU A 14 4.39 -6.66 8.05
CA GLU A 14 3.79 -5.46 7.50
C GLU A 14 4.28 -5.19 6.10
N VAL A 15 3.38 -4.69 5.30
CA VAL A 15 3.71 -4.21 3.99
C VAL A 15 3.63 -2.69 4.01
N ILE A 16 4.73 -2.04 3.74
CA ILE A 16 4.76 -0.61 3.77
C ILE A 16 5.01 -0.06 2.40
N VAL A 17 4.14 0.82 1.98
CA VAL A 17 4.33 1.54 0.74
C VAL A 17 4.13 3.03 0.97
N LYS A 18 5.17 3.78 0.65
CA LYS A 18 5.20 5.21 0.81
C LYS A 18 5.29 5.84 -0.56
N LEU A 19 4.36 6.72 -0.84
CA LEU A 19 4.18 7.24 -2.17
C LEU A 19 4.33 8.75 -2.17
N ARG A 20 4.91 9.28 -3.23
CA ARG A 20 5.22 10.70 -3.31
C ARG A 20 4.12 11.46 -4.04
N VAL A 21 3.76 12.62 -3.51
CA VAL A 21 2.72 13.44 -4.12
C VAL A 21 3.33 14.47 -5.05
N GLY A 22 3.04 14.30 -6.32
CA GLY A 22 3.42 15.26 -7.32
C GLY A 22 2.33 15.40 -8.33
N VAL A 23 1.15 14.96 -7.94
CA VAL A 23 0.05 14.85 -8.85
C VAL A 23 -0.75 16.15 -8.86
N GLY A 24 -0.42 17.02 -7.91
CA GLY A 24 -1.15 18.24 -7.71
C GLY A 24 -1.27 18.53 -6.23
N PRO A 25 -2.45 18.92 -5.76
CA PRO A 25 -2.70 19.11 -4.34
C PRO A 25 -2.89 17.78 -3.64
N LEU A 26 -2.62 17.77 -2.35
CA LEU A 26 -2.83 16.61 -1.55
C LEU A 26 -4.18 16.71 -0.88
N GLN A 27 -5.01 15.78 -1.22
CA GLN A 27 -6.37 15.75 -0.74
C GLN A 27 -6.60 14.47 0.03
N LEU A 28 -7.57 14.42 0.93
CA LEU A 28 -7.82 13.21 1.71
C LEU A 28 -8.18 12.05 0.79
N GLU A 29 -8.71 12.43 -0.37
CA GLU A 29 -9.05 11.49 -1.43
C GLU A 29 -7.84 10.84 -2.05
N ASP A 30 -6.66 11.27 -1.66
CA ASP A 30 -5.50 11.03 -2.48
C ASP A 30 -4.95 9.61 -2.34
N VAL A 31 -5.43 8.88 -1.35
CA VAL A 31 -5.17 7.44 -1.30
C VAL A 31 -6.47 6.66 -1.20
N ASP A 32 -6.70 5.80 -2.17
CA ASP A 32 -7.86 4.93 -2.14
C ASP A 32 -7.41 3.49 -1.91
N ALA A 33 -7.66 2.97 -0.74
CA ALA A 33 -7.23 1.63 -0.43
C ALA A 33 -8.42 0.70 -0.44
N ALA A 34 -8.37 -0.32 -1.29
CA ALA A 34 -9.50 -1.24 -1.42
C ALA A 34 -9.12 -2.58 -0.84
N PHE A 35 -9.80 -3.01 0.18
CA PHE A 35 -9.34 -4.16 0.91
C PHE A 35 -10.41 -5.25 0.92
N THR A 36 -9.97 -6.48 0.77
CA THR A 36 -10.83 -7.62 0.81
C THR A 36 -10.27 -8.65 1.76
N ASP A 37 -11.06 -9.68 2.05
CA ASP A 37 -10.65 -10.72 2.96
C ASP A 37 -9.60 -11.57 2.32
N THR A 38 -9.36 -11.32 1.06
CA THR A 38 -8.37 -12.08 0.38
C THR A 38 -7.36 -11.19 -0.33
N ASP A 39 -7.58 -9.90 -0.37
CA ASP A 39 -6.66 -9.02 -1.08
C ASP A 39 -6.80 -7.60 -0.61
N CYS A 40 -5.94 -6.70 -1.06
CA CYS A 40 -6.06 -5.32 -0.72
C CYS A 40 -5.36 -4.43 -1.75
N VAL A 41 -5.72 -3.16 -1.72
CA VAL A 41 -5.40 -2.20 -2.76
C VAL A 41 -4.88 -0.92 -2.18
N VAL A 42 -3.88 -0.42 -2.85
CA VAL A 42 -3.31 0.85 -2.57
C VAL A 42 -3.55 1.73 -3.77
N ARG A 43 -4.19 2.85 -3.57
CA ARG A 43 -4.33 3.76 -4.67
C ARG A 43 -3.80 5.14 -4.34
N PHE A 44 -3.05 5.69 -5.26
CA PHE A 44 -2.64 7.06 -5.19
C PHE A 44 -3.47 7.91 -6.14
N ALA A 45 -3.60 9.20 -5.81
CA ALA A 45 -4.54 10.11 -6.45
C ALA A 45 -4.40 10.19 -7.97
N GLY A 46 -3.22 9.82 -8.48
CA GLY A 46 -3.03 9.78 -9.90
C GLY A 46 -3.37 8.41 -10.47
N GLY A 47 -2.36 7.71 -10.95
CA GLY A 47 -2.56 6.36 -11.47
C GLY A 47 -1.62 5.36 -10.83
N GLN A 48 -1.00 5.78 -9.74
CA GLN A 48 -0.07 4.97 -9.01
C GLN A 48 -0.82 4.15 -7.95
N GLN A 49 -1.01 2.88 -8.23
CA GLN A 49 -1.87 2.04 -7.44
C GLN A 49 -1.36 0.60 -7.45
N TRP A 50 -1.37 0.01 -6.26
CA TRP A 50 -0.64 -1.19 -5.92
C TRP A 50 -1.48 -1.98 -4.96
N GLY A 51 -1.06 -3.15 -4.63
CA GLY A 51 -1.81 -3.93 -3.71
C GLY A 51 -1.24 -5.32 -3.56
N GLY A 52 -2.05 -6.21 -3.06
CA GLY A 52 -1.68 -7.60 -3.03
C GLY A 52 -2.90 -8.46 -3.11
N VAL A 53 -2.72 -9.70 -3.51
CA VAL A 53 -3.83 -10.56 -3.76
C VAL A 53 -3.57 -11.95 -3.20
N PHE A 54 -4.43 -12.36 -2.31
CA PHE A 54 -4.33 -13.61 -1.62
C PHE A 54 -5.68 -14.33 -1.74
N TYR A 55 -5.69 -15.58 -1.38
CA TYR A 55 -6.87 -16.42 -1.57
C TYR A 55 -7.74 -16.51 -0.35
N ALA A 56 -7.27 -16.07 0.79
CA ALA A 56 -7.92 -16.42 2.00
C ALA A 56 -7.55 -15.49 3.12
N GLU A 57 -8.35 -15.58 4.15
CA GLU A 57 -8.09 -15.02 5.49
C GLU A 57 -8.17 -13.51 5.50
N ILE A 58 -7.18 -12.94 4.82
CA ILE A 58 -6.84 -11.54 4.80
C ILE A 58 -7.88 -10.60 5.42
N LYS A 59 -7.79 -10.41 6.71
CA LYS A 59 -8.45 -9.28 7.36
C LYS A 59 -7.37 -8.43 7.97
N SER A 60 -6.19 -8.98 7.91
CA SER A 60 -4.99 -8.29 8.25
C SER A 60 -4.60 -7.33 7.15
N SER A 61 -4.67 -7.81 5.91
CA SER A 61 -4.52 -6.98 4.74
C SER A 61 -5.80 -6.22 4.47
N CYS A 62 -6.84 -6.57 5.23
CA CYS A 62 -8.08 -5.81 5.23
C CYS A 62 -7.85 -4.58 6.06
N ALA A 63 -6.81 -4.68 6.83
CA ALA A 63 -6.45 -3.63 7.71
C ALA A 63 -5.44 -2.73 7.04
N LYS A 64 -5.79 -1.47 6.84
CA LYS A 64 -4.93 -0.57 6.08
C LYS A 64 -4.93 0.81 6.70
N VAL A 65 -3.74 1.33 6.92
CA VAL A 65 -3.61 2.68 7.42
C VAL A 65 -2.71 3.50 6.54
N GLN A 66 -3.07 4.75 6.34
CA GLN A 66 -2.32 5.61 5.47
C GLN A 66 -1.93 6.91 6.15
N THR A 67 -0.78 7.40 5.75
CA THR A 67 -0.31 8.69 6.20
C THR A 67 -0.31 9.66 5.03
N ARG A 68 -0.95 10.81 5.21
CA ARG A 68 -0.82 11.91 4.29
C ARG A 68 -0.45 13.15 5.08
N LYS A 69 0.42 13.96 4.51
CA LYS A 69 1.05 15.05 5.24
C LYS A 69 1.56 16.10 4.27
N GLY A 70 1.91 15.63 3.09
CA GLY A 70 2.54 16.47 2.12
C GLY A 70 2.83 15.72 0.85
N SER A 71 4.06 15.33 0.70
CA SER A 71 4.50 14.58 -0.46
C SER A 71 4.72 13.11 -0.14
N LEU A 72 4.26 12.65 1.02
CA LEU A 72 4.49 11.27 1.45
C LEU A 72 3.20 10.58 1.89
N LEU A 73 2.92 9.44 1.26
CA LEU A 73 1.78 8.58 1.58
C LEU A 73 2.27 7.28 2.19
N HIS A 74 1.57 6.79 3.17
CA HIS A 74 1.92 5.55 3.85
C HIS A 74 0.81 4.54 3.74
N LEU A 75 1.14 3.28 3.53
CA LEU A 75 0.24 2.22 3.84
C LEU A 75 0.92 1.35 4.85
N THR A 76 0.33 1.25 6.03
CA THR A 76 0.74 0.26 6.98
C THR A 76 -0.17 -0.93 6.81
N LEU A 77 0.41 -1.99 6.30
CA LEU A 77 -0.34 -3.15 5.94
C LEU A 77 0.09 -4.35 6.76
N PRO A 78 -0.74 -4.75 7.73
CA PRO A 78 -0.47 -5.96 8.52
C PRO A 78 -0.24 -7.17 7.63
N LYS A 79 0.50 -8.13 8.16
CA LYS A 79 1.04 -9.24 7.38
C LYS A 79 -0.03 -10.01 6.63
N LYS A 80 0.22 -10.14 5.32
CA LYS A 80 -0.68 -10.87 4.43
C LYS A 80 -0.53 -12.36 4.68
N VAL A 81 0.58 -12.90 4.21
CA VAL A 81 0.92 -14.29 4.44
C VAL A 81 2.36 -14.40 4.90
N PRO A 82 2.55 -14.72 6.18
CA PRO A 82 3.86 -14.79 6.80
C PRO A 82 4.62 -16.06 6.46
N MET A 83 5.94 -15.90 6.35
CA MET A 83 6.92 -16.99 6.20
C MET A 83 6.85 -17.58 4.80
N LEU A 84 6.01 -16.99 3.97
CA LEU A 84 5.79 -17.43 2.63
C LEU A 84 6.25 -16.36 1.66
N THR A 85 6.89 -16.79 0.62
CA THR A 85 7.58 -15.90 -0.28
C THR A 85 6.64 -15.37 -1.37
N TRP A 86 6.47 -14.05 -1.37
CA TRP A 86 5.52 -13.40 -2.25
C TRP A 86 6.13 -13.14 -3.62
N PRO A 87 5.30 -13.18 -4.67
CA PRO A 87 5.74 -12.99 -6.05
C PRO A 87 6.20 -11.56 -6.31
N SER A 88 5.64 -10.63 -5.54
CA SER A 88 5.97 -9.23 -5.64
C SER A 88 5.58 -8.54 -4.35
N LEU A 89 6.21 -7.42 -4.05
CA LEU A 89 5.83 -6.62 -2.90
C LEU A 89 4.40 -6.14 -3.09
N LEU A 90 4.13 -5.62 -4.28
CA LEU A 90 2.80 -5.22 -4.67
C LEU A 90 2.43 -5.95 -5.95
N VAL A 91 1.28 -6.59 -5.91
CA VAL A 91 0.88 -7.52 -6.95
C VAL A 91 -0.42 -7.06 -7.55
N GLU A 92 -1.46 -7.25 -6.77
CA GLU A 92 -2.80 -6.85 -7.11
C GLU A 92 -3.31 -7.67 -8.30
N THR A 1 11.80 9.96 1.53
CA THR A 1 11.42 9.77 0.12
C THR A 1 12.68 9.69 -0.71
N PRO A 2 12.88 8.57 -1.40
CA PRO A 2 14.12 8.31 -2.10
C PRO A 2 14.28 9.18 -3.32
N GLU A 3 15.50 9.61 -3.58
CA GLU A 3 15.81 10.36 -4.78
C GLU A 3 15.82 9.42 -5.98
N LEU A 4 14.67 8.83 -6.23
CA LEU A 4 14.46 7.90 -7.33
C LEU A 4 13.00 7.91 -7.73
N ALA A 5 12.14 7.57 -6.78
CA ALA A 5 10.70 7.55 -7.00
C ALA A 5 9.93 7.34 -5.70
N LEU A 6 9.75 6.08 -5.32
CA LEU A 6 8.91 5.72 -4.18
C LEU A 6 9.64 4.75 -3.28
N ASP A 7 9.43 4.84 -1.99
CA ASP A 7 10.12 3.97 -1.07
C ASP A 7 9.15 3.04 -0.36
N TRP A 8 9.46 1.76 -0.40
CA TRP A 8 8.71 0.74 0.31
C TRP A 8 9.66 -0.12 1.10
N ARG A 9 9.11 -0.92 1.96
CA ARG A 9 9.85 -1.98 2.58
C ARG A 9 8.97 -3.20 2.64
N GLN A 10 9.58 -4.33 2.76
CA GLN A 10 8.85 -5.56 2.95
C GLN A 10 9.49 -6.44 3.99
N SER A 11 8.65 -7.09 4.77
CA SER A 11 9.07 -8.17 5.61
C SER A 11 8.00 -9.24 5.46
N ALA A 12 8.24 -10.43 6.00
CA ALA A 12 7.28 -11.53 5.87
C ALA A 12 5.95 -11.18 6.51
N GLU A 13 5.99 -10.12 7.28
CA GLU A 13 4.93 -9.71 8.16
C GLU A 13 4.20 -8.48 7.66
N GLU A 14 4.89 -7.61 6.96
CA GLU A 14 4.39 -6.27 6.73
C GLU A 14 4.66 -5.86 5.32
N VAL A 15 3.74 -5.12 4.75
CA VAL A 15 4.03 -4.47 3.51
C VAL A 15 3.95 -2.98 3.71
N ILE A 16 5.06 -2.29 3.52
CA ILE A 16 5.09 -0.86 3.70
C ILE A 16 5.44 -0.18 2.41
N VAL A 17 4.53 0.60 1.93
CA VAL A 17 4.74 1.37 0.73
C VAL A 17 4.46 2.84 1.02
N LYS A 18 5.48 3.67 0.81
CA LYS A 18 5.33 5.09 1.00
C LYS A 18 5.63 5.84 -0.28
N LEU A 19 4.71 6.71 -0.62
CA LEU A 19 4.62 7.26 -1.95
C LEU A 19 4.65 8.78 -1.91
N ARG A 20 5.31 9.39 -2.86
CA ARG A 20 5.41 10.84 -2.93
C ARG A 20 4.37 11.42 -3.86
N VAL A 21 3.79 12.55 -3.47
CA VAL A 21 2.64 13.11 -4.17
C VAL A 21 3.08 14.13 -5.21
N GLY A 22 2.63 13.91 -6.44
CA GLY A 22 2.91 14.82 -7.52
C GLY A 22 1.68 15.53 -8.00
N VAL A 23 0.56 15.28 -7.35
CA VAL A 23 -0.70 15.84 -7.79
C VAL A 23 -0.95 17.19 -7.10
N GLY A 24 0.09 17.70 -6.47
CA GLY A 24 -0.03 18.93 -5.71
C GLY A 24 -0.08 18.65 -4.23
N PRO A 25 -1.01 19.28 -3.50
CA PRO A 25 -1.24 18.96 -2.09
C PRO A 25 -2.00 17.67 -1.92
N LEU A 26 -1.48 16.84 -1.04
CA LEU A 26 -2.08 15.58 -0.73
C LEU A 26 -3.31 15.77 0.13
N GLN A 27 -4.41 15.37 -0.45
CA GLN A 27 -5.69 15.39 0.20
C GLN A 27 -6.20 13.96 0.24
N LEU A 28 -7.15 13.67 1.11
CA LEU A 28 -7.56 12.29 1.37
C LEU A 28 -7.86 11.55 0.05
N GLU A 29 -8.33 12.30 -0.93
CA GLU A 29 -8.71 11.75 -2.22
C GLU A 29 -7.52 11.21 -3.02
N ASP A 30 -6.31 11.50 -2.57
CA ASP A 30 -5.11 11.09 -3.29
C ASP A 30 -4.73 9.68 -2.94
N VAL A 31 -5.36 9.12 -1.93
CA VAL A 31 -5.26 7.70 -1.73
C VAL A 31 -6.64 7.06 -1.70
N ASP A 32 -6.91 6.18 -2.64
CA ASP A 32 -8.06 5.32 -2.49
C ASP A 32 -7.56 3.93 -2.16
N ALA A 33 -7.67 3.56 -0.92
CA ALA A 33 -7.17 2.29 -0.52
C ALA A 33 -8.33 1.34 -0.33
N ALA A 34 -8.33 0.27 -1.10
CA ALA A 34 -9.39 -0.70 -0.99
C ALA A 34 -8.85 -1.85 -0.19
N PHE A 35 -9.65 -2.50 0.57
CA PHE A 35 -9.18 -3.64 1.29
C PHE A 35 -10.24 -4.73 1.28
N THR A 36 -9.80 -5.96 1.10
CA THR A 36 -10.70 -7.10 1.08
C THR A 36 -10.18 -8.19 1.98
N ASP A 37 -11.03 -9.19 2.21
CA ASP A 37 -10.68 -10.31 3.06
C ASP A 37 -9.68 -11.20 2.38
N THR A 38 -9.44 -10.93 1.14
CA THR A 38 -8.49 -11.72 0.43
C THR A 38 -7.42 -10.85 -0.20
N ASP A 39 -7.62 -9.55 -0.23
CA ASP A 39 -6.69 -8.69 -0.96
C ASP A 39 -6.84 -7.27 -0.47
N CYS A 40 -5.99 -6.39 -0.93
CA CYS A 40 -6.15 -5.00 -0.61
C CYS A 40 -5.43 -4.10 -1.62
N VAL A 41 -5.81 -2.83 -1.60
CA VAL A 41 -5.51 -1.87 -2.64
C VAL A 41 -4.98 -0.60 -2.07
N VAL A 42 -4.01 -0.10 -2.76
CA VAL A 42 -3.46 1.20 -2.55
C VAL A 42 -3.69 1.99 -3.82
N ARG A 43 -4.33 3.12 -3.74
CA ARG A 43 -4.48 3.91 -4.92
C ARG A 43 -4.01 5.35 -4.72
N PHE A 44 -3.26 5.85 -5.68
CA PHE A 44 -2.84 7.25 -5.70
C PHE A 44 -3.89 8.08 -6.43
N ALA A 45 -3.85 9.41 -6.34
CA ALA A 45 -4.80 10.24 -7.09
C ALA A 45 -4.74 9.94 -8.59
N GLY A 46 -3.55 9.53 -9.04
CA GLY A 46 -3.37 9.13 -10.43
C GLY A 46 -3.40 7.62 -10.60
N GLY A 47 -2.57 7.10 -11.50
CA GLY A 47 -2.58 5.68 -11.78
C GLY A 47 -1.56 4.91 -10.96
N GLN A 48 -1.02 5.55 -9.93
CA GLN A 48 -0.03 4.95 -9.06
C GLN A 48 -0.74 4.18 -7.94
N GLN A 49 -1.17 2.99 -8.27
CA GLN A 49 -1.99 2.19 -7.39
C GLN A 49 -1.45 0.77 -7.32
N TRP A 50 -1.45 0.26 -6.12
CA TRP A 50 -0.70 -0.91 -5.73
C TRP A 50 -1.54 -1.71 -4.77
N GLY A 51 -1.10 -2.86 -4.43
CA GLY A 51 -1.85 -3.65 -3.50
C GLY A 51 -1.28 -5.03 -3.35
N GLY A 52 -2.10 -5.92 -2.84
CA GLY A 52 -1.71 -7.31 -2.77
C GLY A 52 -2.92 -8.20 -2.85
N VAL A 53 -2.72 -9.45 -3.21
CA VAL A 53 -3.81 -10.31 -3.50
C VAL A 53 -3.58 -11.72 -2.92
N PHE A 54 -4.51 -12.12 -2.08
CA PHE A 54 -4.51 -13.40 -1.43
C PHE A 54 -5.87 -14.05 -1.68
N TYR A 55 -5.98 -15.31 -1.38
CA TYR A 55 -7.20 -16.05 -1.65
C TYR A 55 -8.09 -16.14 -0.44
N ALA A 56 -7.55 -15.77 0.72
CA ALA A 56 -8.24 -15.98 1.95
C ALA A 56 -7.61 -15.18 3.06
N GLU A 57 -8.26 -15.27 4.21
CA GLU A 57 -7.70 -14.95 5.56
C GLU A 57 -7.53 -13.46 5.80
N ILE A 58 -7.19 -12.78 4.74
CA ILE A 58 -6.79 -11.40 4.75
C ILE A 58 -7.86 -10.45 5.33
N LYS A 59 -8.00 -10.45 6.64
CA LYS A 59 -8.68 -9.34 7.29
C LYS A 59 -7.64 -8.56 8.06
N SER A 60 -6.47 -9.14 8.12
CA SER A 60 -5.30 -8.48 8.62
C SER A 60 -4.72 -7.52 7.58
N SER A 61 -4.62 -8.00 6.34
CA SER A 61 -4.24 -7.17 5.20
C SER A 61 -5.46 -6.38 4.74
N CYS A 62 -6.59 -6.75 5.30
CA CYS A 62 -7.84 -6.06 5.10
C CYS A 62 -7.82 -4.87 6.03
N ALA A 63 -6.91 -4.97 6.95
CA ALA A 63 -6.62 -3.90 7.85
C ALA A 63 -5.49 -3.07 7.27
N LYS A 64 -5.75 -1.81 7.03
CA LYS A 64 -4.85 -0.99 6.23
C LYS A 64 -4.71 0.40 6.80
N VAL A 65 -3.49 0.88 6.94
CA VAL A 65 -3.32 2.26 7.37
C VAL A 65 -2.48 3.06 6.41
N GLN A 66 -2.89 4.31 6.22
CA GLN A 66 -2.18 5.22 5.35
C GLN A 66 -1.79 6.47 6.10
N THR A 67 -0.62 6.97 5.77
CA THR A 67 -0.23 8.29 6.19
C THR A 67 -0.42 9.23 5.02
N ARG A 68 -1.14 10.31 5.24
CA ARG A 68 -1.29 11.35 4.25
C ARG A 68 -1.52 12.68 4.94
N LYS A 69 -0.92 13.73 4.39
CA LYS A 69 -0.90 15.04 5.03
C LYS A 69 -0.04 15.99 4.23
N GLY A 70 1.00 15.44 3.63
CA GLY A 70 1.98 16.22 2.94
C GLY A 70 2.32 15.66 1.58
N SER A 71 3.54 15.23 1.42
CA SER A 71 3.97 14.59 0.18
C SER A 71 4.18 13.09 0.36
N LEU A 72 3.72 12.53 1.48
CA LEU A 72 4.03 11.16 1.82
C LEU A 72 2.77 10.31 2.03
N LEU A 73 2.67 9.24 1.25
CA LEU A 73 1.64 8.21 1.40
C LEU A 73 2.25 7.02 2.13
N HIS A 74 1.54 6.47 3.08
CA HIS A 74 2.03 5.28 3.80
C HIS A 74 1.02 4.16 3.72
N LEU A 75 1.43 2.95 3.47
CA LEU A 75 0.57 1.83 3.67
C LEU A 75 1.24 0.95 4.67
N THR A 76 0.59 0.78 5.80
CA THR A 76 1.03 -0.16 6.78
C THR A 76 0.20 -1.42 6.65
N LEU A 77 0.86 -2.53 6.35
CA LEU A 77 0.16 -3.76 6.11
C LEU A 77 0.47 -4.77 7.20
N PRO A 78 -0.51 -4.99 8.09
CA PRO A 78 -0.48 -6.03 9.14
C PRO A 78 -0.23 -7.42 8.57
N LYS A 79 0.24 -8.31 9.44
CA LYS A 79 0.82 -9.59 9.02
C LYS A 79 -0.14 -10.38 8.15
N LYS A 80 0.34 -10.74 6.97
CA LYS A 80 -0.44 -11.44 5.97
C LYS A 80 -0.20 -12.94 6.06
N VAL A 81 -0.08 -13.61 4.93
CA VAL A 81 0.25 -15.04 4.92
C VAL A 81 1.75 -15.23 4.71
N PRO A 82 2.43 -15.72 5.75
CA PRO A 82 3.88 -15.88 5.74
C PRO A 82 4.36 -17.11 4.98
N MET A 83 5.64 -17.08 4.61
CA MET A 83 6.42 -18.22 4.07
C MET A 83 6.04 -18.49 2.62
N LEU A 84 5.29 -17.58 2.05
CA LEU A 84 4.88 -17.66 0.68
C LEU A 84 5.51 -16.52 -0.09
N THR A 85 5.97 -16.81 -1.28
CA THR A 85 6.75 -15.86 -2.02
C THR A 85 5.89 -15.06 -2.97
N TRP A 86 5.79 -13.77 -2.69
CA TRP A 86 4.88 -12.89 -3.42
C TRP A 86 5.57 -12.31 -4.64
N PRO A 87 4.93 -12.39 -5.83
CA PRO A 87 5.48 -11.90 -7.09
C PRO A 87 6.27 -10.61 -6.92
N SER A 88 5.65 -9.64 -6.29
CA SER A 88 6.25 -8.37 -6.01
C SER A 88 5.68 -7.85 -4.69
N LEU A 89 6.23 -6.79 -4.16
CA LEU A 89 5.75 -6.21 -2.91
C LEU A 89 4.30 -5.80 -3.07
N LEU A 90 4.04 -5.13 -4.18
CA LEU A 90 2.71 -4.74 -4.55
C LEU A 90 2.36 -5.43 -5.86
N VAL A 91 1.23 -6.10 -5.88
CA VAL A 91 0.81 -6.85 -7.03
C VAL A 91 -0.59 -6.44 -7.42
N GLU A 92 -1.51 -6.88 -6.58
CA GLU A 92 -2.93 -6.57 -6.71
C GLU A 92 -3.49 -7.26 -7.95
N THR A 1 11.61 10.16 1.67
CA THR A 1 10.97 10.08 0.34
C THR A 1 11.98 10.51 -0.71
N PRO A 2 12.36 9.60 -1.61
CA PRO A 2 13.44 9.85 -2.53
C PRO A 2 13.03 10.80 -3.63
N GLU A 3 13.98 11.59 -4.10
CA GLU A 3 13.75 12.45 -5.24
C GLU A 3 13.83 11.62 -6.53
N LEU A 4 13.09 10.52 -6.51
CA LEU A 4 13.06 9.56 -7.60
C LEU A 4 11.66 8.94 -7.70
N ALA A 5 11.30 8.13 -6.70
CA ALA A 5 9.99 7.51 -6.69
C ALA A 5 9.48 7.23 -5.27
N LEU A 6 9.41 5.96 -4.89
CA LEU A 6 8.70 5.52 -3.68
C LEU A 6 9.59 4.68 -2.79
N ASP A 7 9.37 4.76 -1.47
CA ASP A 7 10.04 3.84 -0.57
C ASP A 7 9.04 2.82 -0.03
N TRP A 8 9.38 1.56 -0.14
CA TRP A 8 8.62 0.51 0.53
C TRP A 8 9.55 -0.36 1.32
N ARG A 9 9.03 -0.93 2.36
CA ARG A 9 9.74 -1.96 3.09
C ARG A 9 8.75 -2.90 3.73
N GLN A 10 9.18 -4.09 3.95
CA GLN A 10 8.37 -5.05 4.67
C GLN A 10 9.11 -5.54 5.90
N SER A 11 8.39 -5.69 6.99
CA SER A 11 8.92 -6.22 8.22
C SER A 11 7.91 -7.22 8.75
N ALA A 12 8.27 -7.94 9.79
CA ALA A 12 7.41 -8.97 10.36
C ALA A 12 6.13 -8.37 10.92
N GLU A 13 6.13 -7.07 10.99
CA GLU A 13 5.10 -6.31 11.64
C GLU A 13 4.18 -5.59 10.65
N GLU A 14 4.73 -5.21 9.50
CA GLU A 14 4.03 -4.31 8.59
C GLU A 14 4.62 -4.36 7.20
N VAL A 15 3.75 -4.22 6.20
CA VAL A 15 4.22 -4.02 4.85
C VAL A 15 4.04 -2.57 4.50
N ILE A 16 5.14 -1.90 4.23
CA ILE A 16 5.13 -0.48 4.04
C ILE A 16 5.34 -0.10 2.60
N VAL A 17 4.43 0.68 2.09
CA VAL A 17 4.63 1.34 0.82
C VAL A 17 4.41 2.84 1.01
N LYS A 18 5.44 3.60 0.72
CA LYS A 18 5.45 5.03 0.88
C LYS A 18 5.53 5.69 -0.46
N LEU A 19 4.53 6.49 -0.75
CA LEU A 19 4.35 7.03 -2.07
C LEU A 19 4.43 8.55 -2.04
N ARG A 20 5.07 9.11 -3.04
CA ARG A 20 5.25 10.54 -3.13
C ARG A 20 4.20 11.15 -4.04
N VAL A 21 3.63 12.27 -3.63
CA VAL A 21 2.50 12.85 -4.33
C VAL A 21 2.96 13.88 -5.35
N GLY A 22 2.70 13.56 -6.61
CA GLY A 22 3.01 14.46 -7.70
C GLY A 22 1.78 14.78 -8.49
N VAL A 23 0.63 14.66 -7.86
CA VAL A 23 -0.60 14.92 -8.54
C VAL A 23 -1.09 16.33 -8.17
N GLY A 24 -0.19 17.08 -7.56
CA GLY A 24 -0.52 18.38 -7.03
C GLY A 24 -0.53 18.34 -5.52
N PRO A 25 -1.54 18.94 -4.88
CA PRO A 25 -1.69 18.87 -3.44
C PRO A 25 -2.28 17.56 -3.00
N LEU A 26 -1.74 17.02 -1.93
CA LEU A 26 -2.27 15.82 -1.36
C LEU A 26 -3.51 16.14 -0.58
N GLN A 27 -4.59 15.58 -1.04
CA GLN A 27 -5.87 15.71 -0.42
C GLN A 27 -6.34 14.33 -0.04
N LEU A 28 -7.28 14.22 0.87
CA LEU A 28 -7.68 12.93 1.43
C LEU A 28 -7.99 11.94 0.30
N GLU A 29 -8.49 12.47 -0.80
CA GLU A 29 -8.92 11.67 -1.93
C GLU A 29 -7.77 10.98 -2.67
N ASP A 30 -6.53 11.33 -2.34
CA ASP A 30 -5.41 10.92 -3.14
C ASP A 30 -4.98 9.50 -2.84
N VAL A 31 -5.51 8.95 -1.77
CA VAL A 31 -5.30 7.54 -1.54
C VAL A 31 -6.62 6.81 -1.46
N ASP A 32 -6.80 5.88 -2.38
CA ASP A 32 -7.91 4.96 -2.30
C ASP A 32 -7.37 3.59 -1.96
N ALA A 33 -7.59 3.17 -0.75
CA ALA A 33 -7.14 1.87 -0.37
C ALA A 33 -8.33 0.94 -0.31
N ALA A 34 -8.32 -0.10 -1.12
CA ALA A 34 -9.47 -0.99 -1.19
C ALA A 34 -9.07 -2.34 -0.69
N PHE A 35 -9.65 -2.78 0.39
CA PHE A 35 -9.14 -3.94 1.07
C PHE A 35 -10.26 -4.91 1.41
N THR A 36 -9.96 -6.17 1.23
CA THR A 36 -10.84 -7.25 1.54
C THR A 36 -10.08 -8.27 2.36
N ASP A 37 -10.78 -9.29 2.83
CA ASP A 37 -10.14 -10.37 3.55
C ASP A 37 -9.34 -11.22 2.61
N THR A 38 -9.49 -10.95 1.33
CA THR A 38 -8.76 -11.68 0.35
C THR A 38 -8.02 -10.77 -0.61
N ASP A 39 -8.03 -9.47 -0.39
CA ASP A 39 -7.25 -8.60 -1.25
C ASP A 39 -7.12 -7.22 -0.62
N CYS A 40 -6.25 -6.38 -1.17
CA CYS A 40 -6.20 -5.01 -0.77
C CYS A 40 -5.50 -4.15 -1.81
N VAL A 41 -5.80 -2.86 -1.75
CA VAL A 41 -5.45 -1.93 -2.79
C VAL A 41 -4.87 -0.67 -2.20
N VAL A 42 -3.86 -0.20 -2.88
CA VAL A 42 -3.20 1.04 -2.58
C VAL A 42 -3.41 1.96 -3.76
N ARG A 43 -4.00 3.10 -3.55
CA ARG A 43 -4.13 4.00 -4.66
C ARG A 43 -3.55 5.38 -4.41
N PHE A 44 -2.89 5.88 -5.44
CA PHE A 44 -2.46 7.27 -5.50
C PHE A 44 -3.27 8.01 -6.58
N ALA A 45 -3.55 9.30 -6.33
CA ALA A 45 -4.51 10.09 -7.12
C ALA A 45 -4.19 10.10 -8.60
N GLY A 46 -2.90 10.01 -8.93
CA GLY A 46 -2.48 10.08 -10.31
C GLY A 46 -2.76 8.81 -11.08
N GLY A 47 -2.66 7.68 -10.39
CA GLY A 47 -2.81 6.39 -11.05
C GLY A 47 -1.87 5.35 -10.47
N GLN A 48 -0.89 5.82 -9.71
CA GLN A 48 0.06 4.96 -9.06
C GLN A 48 -0.64 4.16 -7.97
N GLN A 49 -1.00 2.94 -8.31
CA GLN A 49 -1.87 2.14 -7.48
C GLN A 49 -1.40 0.71 -7.47
N TRP A 50 -1.36 0.16 -6.28
CA TRP A 50 -0.70 -1.09 -5.98
C TRP A 50 -1.57 -1.84 -5.02
N GLY A 51 -1.22 -3.05 -4.72
CA GLY A 51 -2.01 -3.81 -3.80
C GLY A 51 -1.54 -5.24 -3.72
N GLY A 52 -2.41 -6.08 -3.24
CA GLY A 52 -2.11 -7.50 -3.19
C GLY A 52 -3.37 -8.30 -3.16
N VAL A 53 -3.27 -9.56 -3.50
CA VAL A 53 -4.42 -10.38 -3.66
C VAL A 53 -4.18 -11.73 -3.02
N PHE A 54 -5.14 -12.15 -2.24
CA PHE A 54 -5.13 -13.38 -1.53
C PHE A 54 -6.42 -14.11 -1.85
N TYR A 55 -6.45 -15.37 -1.59
CA TYR A 55 -7.67 -16.12 -1.80
C TYR A 55 -8.42 -16.31 -0.52
N ALA A 56 -7.79 -15.99 0.58
CA ALA A 56 -8.36 -16.33 1.83
C ALA A 56 -7.73 -15.53 2.93
N GLU A 57 -8.38 -15.60 4.07
CA GLU A 57 -7.87 -15.19 5.39
C GLU A 57 -7.72 -13.69 5.53
N ILE A 58 -6.78 -13.17 4.78
CA ILE A 58 -6.16 -11.86 5.01
C ILE A 58 -7.13 -10.75 5.46
N LYS A 59 -7.35 -10.68 6.75
CA LYS A 59 -7.98 -9.50 7.33
C LYS A 59 -6.86 -8.61 7.77
N SER A 60 -5.69 -9.18 7.63
CA SER A 60 -4.47 -8.54 7.93
C SER A 60 -4.10 -7.53 6.84
N SER A 61 -4.22 -7.93 5.58
CA SER A 61 -4.10 -7.01 4.45
C SER A 61 -5.40 -6.27 4.23
N CYS A 62 -6.41 -6.74 4.93
CA CYS A 62 -7.69 -6.05 5.00
C CYS A 62 -7.52 -4.94 6.01
N ALA A 63 -6.41 -5.03 6.69
CA ALA A 63 -5.95 -3.94 7.48
C ALA A 63 -4.90 -3.17 6.71
N LYS A 64 -5.23 -1.94 6.38
CA LYS A 64 -4.35 -1.09 5.62
C LYS A 64 -4.46 0.32 6.16
N VAL A 65 -3.36 0.92 6.54
CA VAL A 65 -3.39 2.28 7.06
C VAL A 65 -2.50 3.19 6.26
N GLN A 66 -2.93 4.43 6.06
CA GLN A 66 -2.14 5.36 5.30
C GLN A 66 -1.87 6.63 6.06
N THR A 67 -0.68 7.14 5.86
CA THR A 67 -0.35 8.48 6.27
C THR A 67 -0.45 9.39 5.06
N ARG A 68 -1.24 10.44 5.16
CA ARG A 68 -1.30 11.43 4.11
C ARG A 68 -1.60 12.80 4.72
N LYS A 69 -0.94 13.81 4.19
CA LYS A 69 -1.00 15.17 4.71
C LYS A 69 -0.02 16.05 3.97
N GLY A 70 1.17 15.51 3.74
CA GLY A 70 2.21 16.24 3.07
C GLY A 70 2.34 15.82 1.63
N SER A 71 3.53 15.48 1.23
CA SER A 71 3.77 14.93 -0.10
C SER A 71 4.07 13.44 -0.03
N LEU A 72 3.78 12.83 1.12
CA LEU A 72 4.16 11.44 1.35
C LEU A 72 2.95 10.60 1.78
N LEU A 73 2.90 9.38 1.27
CA LEU A 73 1.85 8.43 1.56
C LEU A 73 2.46 7.20 2.21
N HIS A 74 1.84 6.71 3.24
CA HIS A 74 2.36 5.58 4.00
C HIS A 74 1.34 4.47 4.09
N LEU A 75 1.63 3.28 3.64
CA LEU A 75 0.74 2.18 3.86
C LEU A 75 1.33 1.32 4.95
N THR A 76 0.60 1.20 6.04
CA THR A 76 0.97 0.37 7.15
C THR A 76 0.05 -0.84 7.22
N LEU A 77 0.61 -1.98 6.87
CA LEU A 77 -0.13 -3.20 6.70
C LEU A 77 0.39 -4.31 7.62
N PRO A 78 -0.44 -4.84 8.52
CA PRO A 78 -0.08 -5.98 9.39
C PRO A 78 0.43 -7.17 8.58
N LYS A 79 1.24 -8.02 9.22
CA LYS A 79 1.89 -9.12 8.52
C LYS A 79 0.85 -10.01 7.85
N LYS A 80 1.05 -10.25 6.56
CA LYS A 80 0.10 -11.00 5.77
C LYS A 80 0.58 -12.44 5.56
N VAL A 81 1.74 -12.59 4.93
CA VAL A 81 2.33 -13.92 4.74
C VAL A 81 3.78 -13.90 5.16
N PRO A 82 4.07 -14.54 6.29
CA PRO A 82 5.41 -14.59 6.85
C PRO A 82 6.32 -15.58 6.14
N MET A 83 7.57 -15.14 5.96
CA MET A 83 8.71 -15.95 5.49
C MET A 83 8.57 -16.29 4.02
N LEU A 84 7.55 -15.72 3.42
CA LEU A 84 7.27 -15.94 2.03
C LEU A 84 7.49 -14.67 1.23
N THR A 85 8.11 -14.82 0.08
CA THR A 85 8.51 -13.69 -0.72
C THR A 85 7.59 -13.51 -1.92
N TRP A 86 7.07 -12.31 -2.06
CA TRP A 86 6.11 -12.01 -3.11
C TRP A 86 6.84 -11.41 -4.29
N PRO A 87 6.32 -11.64 -5.50
CA PRO A 87 7.00 -11.28 -6.74
C PRO A 87 7.06 -9.78 -6.96
N SER A 88 6.19 -9.06 -6.25
CA SER A 88 6.17 -7.62 -6.29
C SER A 88 5.42 -7.11 -5.07
N LEU A 89 5.54 -5.83 -4.81
CA LEU A 89 4.72 -5.16 -3.80
C LEU A 89 3.26 -5.35 -4.17
N LEU A 90 3.00 -5.15 -5.44
CA LEU A 90 1.68 -5.16 -5.99
C LEU A 90 1.48 -6.43 -6.77
N VAL A 91 0.40 -7.12 -6.48
CA VAL A 91 0.10 -8.36 -7.15
C VAL A 91 -1.12 -8.18 -8.04
N GLU A 92 -2.28 -8.39 -7.44
CA GLU A 92 -3.57 -8.13 -8.08
C GLU A 92 -3.63 -8.78 -9.46
N THR A 1 14.44 11.41 -2.05
CA THR A 1 13.50 10.61 -2.85
C THR A 1 14.16 9.28 -3.19
N PRO A 2 13.62 8.16 -2.68
CA PRO A 2 14.32 6.88 -2.73
C PRO A 2 14.25 6.27 -4.11
N GLU A 3 15.36 5.71 -4.56
CA GLU A 3 15.41 4.95 -5.79
C GLU A 3 15.09 5.81 -7.03
N LEU A 4 13.83 6.15 -7.16
CA LEU A 4 13.35 6.97 -8.26
C LEU A 4 12.32 7.95 -7.73
N ALA A 5 11.45 7.45 -6.84
CA ALA A 5 10.38 8.27 -6.30
C ALA A 5 9.87 7.74 -4.95
N LEU A 6 9.48 6.48 -4.94
CA LEU A 6 8.71 5.93 -3.83
C LEU A 6 9.44 4.82 -3.09
N ASP A 7 9.18 4.75 -1.78
CA ASP A 7 9.84 3.77 -0.94
C ASP A 7 8.83 2.85 -0.29
N TRP A 8 9.05 1.56 -0.40
CA TRP A 8 8.24 0.57 0.30
C TRP A 8 9.15 -0.35 1.07
N ARG A 9 8.59 -0.99 2.06
CA ARG A 9 9.28 -2.05 2.75
C ARG A 9 8.26 -3.04 3.28
N GLN A 10 8.63 -4.28 3.28
CA GLN A 10 7.78 -5.29 3.83
C GLN A 10 8.52 -6.06 4.92
N SER A 11 7.81 -6.37 5.99
CA SER A 11 8.36 -7.17 7.06
C SER A 11 7.29 -8.17 7.46
N ALA A 12 7.63 -9.11 8.32
CA ALA A 12 6.70 -10.14 8.75
C ALA A 12 5.50 -9.55 9.48
N GLU A 13 5.63 -8.30 9.80
CA GLU A 13 4.71 -7.58 10.65
C GLU A 13 3.81 -6.63 9.86
N GLU A 14 4.32 -6.10 8.75
CA GLU A 14 3.66 -5.01 8.08
C GLU A 14 4.13 -4.86 6.66
N VAL A 15 3.23 -4.46 5.79
CA VAL A 15 3.61 -4.10 4.44
C VAL A 15 3.52 -2.60 4.31
N ILE A 16 4.63 -1.97 4.02
CA ILE A 16 4.68 -0.54 3.93
C ILE A 16 4.98 -0.08 2.52
N VAL A 17 4.10 0.75 2.00
CA VAL A 17 4.32 1.37 0.71
C VAL A 17 4.13 2.88 0.86
N LYS A 18 5.18 3.62 0.53
CA LYS A 18 5.19 5.06 0.66
C LYS A 18 5.20 5.70 -0.70
N LEU A 19 4.21 6.51 -0.95
CA LEU A 19 3.93 7.00 -2.27
C LEU A 19 4.09 8.50 -2.32
N ARG A 20 4.67 8.99 -3.41
CA ARG A 20 5.02 10.39 -3.55
C ARG A 20 3.95 11.15 -4.30
N VAL A 21 3.63 12.34 -3.82
CA VAL A 21 2.52 13.12 -4.35
C VAL A 21 3.01 14.11 -5.39
N GLY A 22 2.54 13.92 -6.63
CA GLY A 22 2.83 14.84 -7.71
C GLY A 22 1.62 15.64 -8.09
N VAL A 23 0.50 15.38 -7.43
CA VAL A 23 -0.72 16.05 -7.77
C VAL A 23 -0.71 17.45 -7.14
N GLY A 24 -1.83 18.18 -7.21
CA GLY A 24 -1.89 19.50 -6.62
C GLY A 24 -1.80 19.48 -5.11
N PRO A 25 -2.87 19.85 -4.40
CA PRO A 25 -2.91 19.79 -2.96
C PRO A 25 -3.16 18.37 -2.49
N LEU A 26 -2.58 18.00 -1.37
CA LEU A 26 -2.82 16.73 -0.80
C LEU A 26 -4.18 16.73 -0.14
N GLN A 27 -5.05 15.93 -0.68
CA GLN A 27 -6.40 15.79 -0.19
C GLN A 27 -6.64 14.33 0.15
N LEU A 28 -7.63 14.11 1.00
CA LEU A 28 -7.95 12.79 1.56
C LEU A 28 -8.10 11.71 0.50
N GLU A 29 -8.37 12.11 -0.73
CA GLU A 29 -8.56 11.20 -1.84
C GLU A 29 -7.25 10.56 -2.29
N ASP A 30 -6.15 10.96 -1.67
CA ASP A 30 -4.84 10.75 -2.22
C ASP A 30 -4.36 9.32 -2.02
N VAL A 31 -5.00 8.57 -1.14
CA VAL A 31 -4.89 7.13 -1.16
C VAL A 31 -6.28 6.50 -1.12
N ASP A 32 -6.61 5.69 -2.11
CA ASP A 32 -7.79 4.86 -2.02
C ASP A 32 -7.36 3.41 -1.91
N ALA A 33 -7.41 2.87 -0.72
CA ALA A 33 -6.94 1.52 -0.51
C ALA A 33 -8.13 0.59 -0.27
N ALA A 34 -8.27 -0.44 -1.10
CA ALA A 34 -9.38 -1.37 -0.94
C ALA A 34 -8.86 -2.71 -0.46
N PHE A 35 -9.32 -3.17 0.69
CA PHE A 35 -8.77 -4.39 1.23
C PHE A 35 -9.86 -5.44 1.44
N THR A 36 -9.56 -6.63 0.98
CA THR A 36 -10.45 -7.76 1.08
C THR A 36 -9.74 -8.90 1.78
N ASP A 37 -10.49 -9.95 2.12
CA ASP A 37 -9.92 -11.06 2.84
C ASP A 37 -8.87 -11.72 1.99
N THR A 38 -8.99 -11.52 0.70
CA THR A 38 -8.14 -12.20 -0.21
C THR A 38 -7.51 -11.24 -1.25
N ASP A 39 -7.68 -9.94 -1.08
CA ASP A 39 -7.03 -9.01 -2.01
C ASP A 39 -6.93 -7.61 -1.45
N CYS A 40 -6.09 -6.78 -2.07
CA CYS A 40 -5.95 -5.41 -1.64
C CYS A 40 -5.60 -4.47 -2.78
N VAL A 41 -5.89 -3.20 -2.55
CA VAL A 41 -5.68 -2.13 -3.49
C VAL A 41 -5.04 -0.96 -2.78
N VAL A 42 -4.06 -0.43 -3.44
CA VAL A 42 -3.43 0.79 -3.07
C VAL A 42 -3.64 1.77 -4.18
N ARG A 43 -4.28 2.87 -3.89
CA ARG A 43 -4.47 3.83 -4.92
C ARG A 43 -3.94 5.20 -4.54
N PHE A 44 -3.22 5.79 -5.47
CA PHE A 44 -2.74 7.15 -5.34
C PHE A 44 -3.79 8.12 -5.88
N ALA A 45 -3.62 9.41 -5.62
CA ALA A 45 -4.55 10.44 -6.10
C ALA A 45 -4.72 10.36 -7.63
N GLY A 46 -3.75 9.78 -8.32
CA GLY A 46 -3.88 9.57 -9.75
C GLY A 46 -2.75 8.76 -10.34
N GLY A 47 -3.11 7.80 -11.20
CA GLY A 47 -2.12 7.01 -11.92
C GLY A 47 -1.51 5.90 -11.08
N GLN A 48 -0.77 6.29 -10.06
CA GLN A 48 -0.06 5.37 -9.20
C GLN A 48 -1.02 4.54 -8.35
N GLN A 49 -1.08 3.27 -8.61
CA GLN A 49 -1.92 2.38 -7.85
C GLN A 49 -1.38 0.95 -7.91
N TRP A 50 -1.50 0.27 -6.80
CA TRP A 50 -0.81 -0.98 -6.53
C TRP A 50 -1.72 -1.84 -5.72
N GLY A 51 -1.36 -3.06 -5.50
CA GLY A 51 -2.18 -3.89 -4.69
C GLY A 51 -1.53 -5.23 -4.40
N GLY A 52 -2.31 -6.13 -3.84
CA GLY A 52 -1.80 -7.44 -3.50
C GLY A 52 -2.91 -8.44 -3.46
N VAL A 53 -2.55 -9.69 -3.42
CA VAL A 53 -3.53 -10.73 -3.55
C VAL A 53 -3.24 -11.85 -2.54
N PHE A 54 -4.29 -12.29 -1.90
CA PHE A 54 -4.24 -13.32 -0.91
C PHE A 54 -5.25 -14.37 -1.30
N TYR A 55 -5.06 -15.58 -0.83
CA TYR A 55 -6.01 -16.62 -1.15
C TYR A 55 -7.02 -16.79 -0.04
N ALA A 56 -6.73 -16.19 1.10
CA ALA A 56 -7.52 -16.48 2.26
C ALA A 56 -7.33 -15.45 3.35
N GLU A 57 -8.32 -15.47 4.22
CA GLU A 57 -8.28 -14.94 5.61
C GLU A 57 -8.29 -13.43 5.72
N ILE A 58 -7.29 -12.82 5.14
CA ILE A 58 -6.86 -11.45 5.45
C ILE A 58 -8.01 -10.43 5.64
N LYS A 59 -8.47 -10.30 6.88
CA LYS A 59 -9.28 -9.16 7.26
C LYS A 59 -8.53 -8.38 8.32
N SER A 60 -7.45 -8.98 8.75
CA SER A 60 -6.47 -8.34 9.56
C SER A 60 -5.64 -7.38 8.73
N SER A 61 -5.27 -7.84 7.55
CA SER A 61 -4.63 -6.99 6.57
C SER A 61 -5.68 -6.15 5.88
N CYS A 62 -6.97 -6.44 6.14
CA CYS A 62 -8.05 -5.61 5.65
C CYS A 62 -8.08 -4.37 6.48
N ALA A 63 -7.29 -4.44 7.53
CA ALA A 63 -7.04 -3.29 8.32
C ALA A 63 -5.98 -2.46 7.64
N LYS A 64 -6.27 -1.20 7.37
CA LYS A 64 -5.39 -0.41 6.51
C LYS A 64 -5.19 0.98 7.08
N VAL A 65 -3.93 1.38 7.18
CA VAL A 65 -3.63 2.74 7.61
C VAL A 65 -2.75 3.43 6.60
N GLN A 66 -3.02 4.70 6.39
CA GLN A 66 -2.20 5.50 5.52
C GLN A 66 -1.83 6.82 6.16
N THR A 67 -0.64 7.28 5.83
CA THR A 67 -0.17 8.57 6.28
C THR A 67 -0.25 9.58 5.14
N ARG A 68 -0.90 10.69 5.42
CA ARG A 68 -0.85 11.84 4.53
C ARG A 68 -0.59 13.07 5.38
N LYS A 69 0.21 13.97 4.84
CA LYS A 69 0.70 15.11 5.62
C LYS A 69 1.53 16.02 4.74
N GLY A 70 2.01 15.46 3.65
CA GLY A 70 2.92 16.17 2.80
C GLY A 70 3.02 15.55 1.43
N SER A 71 4.23 15.24 1.03
CA SER A 71 4.48 14.66 -0.28
C SER A 71 4.72 13.15 -0.15
N LEU A 72 4.45 12.59 1.03
CA LEU A 72 4.68 11.18 1.27
C LEU A 72 3.44 10.49 1.84
N LEU A 73 3.08 9.37 1.23
CA LEU A 73 1.94 8.55 1.60
C LEU A 73 2.43 7.25 2.18
N HIS A 74 1.78 6.78 3.21
CA HIS A 74 2.14 5.53 3.86
C HIS A 74 0.99 4.56 3.74
N LEU A 75 1.26 3.31 3.47
CA LEU A 75 0.31 2.29 3.78
C LEU A 75 0.95 1.45 4.84
N THR A 76 0.33 1.45 6.00
CA THR A 76 0.75 0.61 7.08
C THR A 76 -0.16 -0.59 7.12
N LEU A 77 0.40 -1.73 6.80
CA LEU A 77 -0.37 -2.93 6.68
C LEU A 77 -0.13 -3.87 7.85
N PRO A 78 -1.16 -4.08 8.68
CA PRO A 78 -1.15 -5.07 9.76
C PRO A 78 -0.77 -6.47 9.30
N LYS A 79 -0.30 -7.27 10.24
CA LYS A 79 0.37 -8.53 9.97
C LYS A 79 -0.45 -9.44 9.06
N LYS A 80 0.20 -9.86 7.99
CA LYS A 80 -0.37 -10.80 7.02
C LYS A 80 -0.03 -12.22 7.45
N VAL A 81 -0.10 -13.14 6.49
CA VAL A 81 0.42 -14.48 6.69
C VAL A 81 1.83 -14.54 6.14
N PRO A 82 2.82 -14.72 7.01
CA PRO A 82 4.22 -14.65 6.63
C PRO A 82 4.71 -15.91 5.91
N MET A 83 5.82 -15.76 5.18
CA MET A 83 6.58 -16.84 4.56
C MET A 83 5.88 -17.36 3.31
N LEU A 84 4.91 -16.60 2.86
CA LEU A 84 4.19 -16.89 1.65
C LEU A 84 4.77 -16.04 0.54
N THR A 85 4.93 -16.63 -0.61
CA THR A 85 5.74 -16.04 -1.65
C THR A 85 4.93 -15.17 -2.61
N TRP A 86 5.21 -13.88 -2.54
CA TRP A 86 4.55 -12.91 -3.41
C TRP A 86 5.42 -12.64 -4.63
N PRO A 87 4.86 -12.86 -5.83
CA PRO A 87 5.54 -12.63 -7.11
C PRO A 87 6.16 -11.24 -7.19
N SER A 88 5.57 -10.30 -6.46
CA SER A 88 6.06 -8.96 -6.39
C SER A 88 5.49 -8.34 -5.12
N LEU A 89 6.02 -7.20 -4.72
CA LEU A 89 5.50 -6.49 -3.56
C LEU A 89 4.06 -6.07 -3.83
N LEU A 90 3.81 -5.52 -5.01
CA LEU A 90 2.48 -5.19 -5.44
C LEU A 90 2.15 -6.02 -6.67
N VAL A 91 1.00 -6.68 -6.62
CA VAL A 91 0.65 -7.69 -7.61
C VAL A 91 -0.78 -7.51 -8.04
N GLU A 92 -1.62 -7.64 -7.02
CA GLU A 92 -3.07 -7.58 -7.12
C GLU A 92 -3.61 -8.54 -8.19
N THR A 1 10.61 -0.82 -3.73
CA THR A 1 11.17 0.54 -3.76
C THR A 1 11.74 0.83 -5.13
N PRO A 2 10.96 1.51 -5.99
CA PRO A 2 11.41 1.80 -7.34
C PRO A 2 12.47 2.88 -7.34
N GLU A 3 13.35 2.80 -8.33
CA GLU A 3 14.52 3.65 -8.39
C GLU A 3 14.19 5.04 -8.95
N LEU A 4 13.13 5.63 -8.41
CA LEU A 4 12.69 6.96 -8.84
C LEU A 4 12.42 7.86 -7.64
N ALA A 5 11.22 7.73 -7.06
CA ALA A 5 10.83 8.59 -5.94
C ALA A 5 9.82 7.92 -5.02
N LEU A 6 9.73 6.59 -5.11
CA LEU A 6 8.78 5.85 -4.28
C LEU A 6 9.54 4.88 -3.40
N ASP A 7 9.07 4.69 -2.18
CA ASP A 7 9.73 3.75 -1.30
C ASP A 7 8.71 2.94 -0.51
N TRP A 8 8.91 1.65 -0.50
CA TRP A 8 8.04 0.71 0.17
C TRP A 8 8.87 -0.16 1.07
N ARG A 9 8.24 -0.91 1.93
CA ARG A 9 8.96 -1.85 2.71
C ARG A 9 8.07 -3.02 3.07
N GLN A 10 8.71 -4.09 3.45
CA GLN A 10 8.04 -5.13 4.19
C GLN A 10 8.83 -5.42 5.46
N SER A 11 8.10 -5.59 6.54
CA SER A 11 8.68 -5.98 7.80
C SER A 11 7.78 -7.03 8.40
N ALA A 12 8.21 -7.66 9.48
CA ALA A 12 7.44 -8.73 10.12
C ALA A 12 6.11 -8.22 10.63
N GLU A 13 5.99 -6.93 10.62
CA GLU A 13 4.90 -6.22 11.21
C GLU A 13 3.93 -5.65 10.18
N GLU A 14 4.46 -5.23 9.02
CA GLU A 14 3.71 -4.40 8.11
C GLU A 14 4.22 -4.50 6.69
N VAL A 15 3.32 -4.32 5.73
CA VAL A 15 3.73 -4.12 4.36
C VAL A 15 3.51 -2.66 4.03
N ILE A 16 4.56 -1.98 3.70
CA ILE A 16 4.51 -0.55 3.55
C ILE A 16 4.69 -0.11 2.13
N VAL A 17 3.82 0.77 1.70
CA VAL A 17 4.01 1.44 0.44
C VAL A 17 3.88 2.95 0.68
N LYS A 18 4.93 3.66 0.36
CA LYS A 18 4.99 5.08 0.57
C LYS A 18 5.11 5.79 -0.76
N LEU A 19 4.19 6.70 -0.97
CA LEU A 19 4.01 7.32 -2.25
C LEU A 19 4.11 8.84 -2.09
N ARG A 20 4.78 9.50 -3.00
CA ARG A 20 4.99 10.94 -2.87
C ARG A 20 3.97 11.72 -3.68
N VAL A 21 3.37 12.73 -3.06
CA VAL A 21 2.34 13.54 -3.72
C VAL A 21 2.93 14.84 -4.25
N GLY A 22 2.70 15.08 -5.53
CA GLY A 22 3.17 16.30 -6.14
C GLY A 22 2.07 17.06 -6.81
N VAL A 23 0.83 16.67 -6.53
CA VAL A 23 -0.29 17.26 -7.22
C VAL A 23 -0.65 18.61 -6.60
N GLY A 24 -0.20 18.82 -5.38
CA GLY A 24 -0.53 20.01 -4.65
C GLY A 24 -0.99 19.70 -3.25
N PRO A 25 -2.18 20.17 -2.86
CA PRO A 25 -2.73 19.91 -1.54
C PRO A 25 -3.25 18.49 -1.40
N LEU A 26 -2.90 17.88 -0.29
CA LEU A 26 -3.36 16.56 0.05
C LEU A 26 -4.83 16.60 0.42
N GLN A 27 -5.59 15.90 -0.38
CA GLN A 27 -7.01 15.72 -0.15
C GLN A 27 -7.26 14.24 -0.03
N LEU A 28 -8.31 13.87 0.71
CA LEU A 28 -8.54 12.48 1.15
C LEU A 28 -8.47 11.47 0.01
N GLU A 29 -8.71 11.95 -1.19
CA GLU A 29 -8.67 11.14 -2.39
C GLU A 29 -7.26 10.65 -2.73
N ASP A 30 -6.29 11.07 -1.96
CA ASP A 30 -4.91 10.90 -2.35
C ASP A 30 -4.39 9.50 -2.10
N VAL A 31 -5.09 8.73 -1.26
CA VAL A 31 -4.95 7.29 -1.27
C VAL A 31 -6.31 6.62 -1.29
N ASP A 32 -6.55 5.76 -2.26
CA ASP A 32 -7.73 4.92 -2.22
C ASP A 32 -7.29 3.47 -2.02
N ALA A 33 -7.45 2.96 -0.82
CA ALA A 33 -6.97 1.64 -0.52
C ALA A 33 -8.12 0.70 -0.25
N ALA A 34 -8.23 -0.35 -1.04
CA ALA A 34 -9.32 -1.31 -0.87
C ALA A 34 -8.78 -2.57 -0.24
N PHE A 35 -9.47 -3.12 0.73
CA PHE A 35 -9.01 -4.33 1.33
C PHE A 35 -10.11 -5.36 1.45
N THR A 36 -9.78 -6.54 0.97
CA THR A 36 -10.68 -7.67 0.98
C THR A 36 -10.09 -8.77 1.83
N ASP A 37 -10.90 -9.78 2.12
CA ASP A 37 -10.48 -10.87 2.96
C ASP A 37 -9.35 -11.62 2.31
N THR A 38 -9.17 -11.37 1.03
CA THR A 38 -8.11 -12.02 0.33
C THR A 38 -7.36 -11.09 -0.60
N ASP A 39 -7.64 -9.80 -0.61
CA ASP A 39 -6.97 -8.94 -1.58
C ASP A 39 -6.80 -7.53 -1.06
N CYS A 40 -5.94 -6.75 -1.70
CA CYS A 40 -5.69 -5.38 -1.30
C CYS A 40 -5.42 -4.46 -2.48
N VAL A 41 -5.76 -3.19 -2.29
CA VAL A 41 -5.61 -2.16 -3.29
C VAL A 41 -5.00 -0.92 -2.68
N VAL A 42 -4.06 -0.40 -3.40
CA VAL A 42 -3.44 0.84 -3.10
C VAL A 42 -3.70 1.80 -4.24
N ARG A 43 -4.24 2.94 -3.94
CA ARG A 43 -4.40 3.92 -4.98
C ARG A 43 -3.77 5.25 -4.60
N PHE A 44 -3.09 5.83 -5.56
CA PHE A 44 -2.51 7.16 -5.42
C PHE A 44 -3.55 8.21 -5.84
N ALA A 45 -3.31 9.48 -5.53
CA ALA A 45 -4.23 10.54 -5.93
C ALA A 45 -4.49 10.50 -7.44
N GLY A 46 -3.49 10.06 -8.19
CA GLY A 46 -3.65 9.87 -9.62
C GLY A 46 -2.47 9.19 -10.25
N GLY A 47 -2.72 8.09 -10.93
CA GLY A 47 -1.65 7.38 -11.60
C GLY A 47 -1.29 6.07 -10.93
N GLN A 48 -0.31 6.14 -10.02
CA GLN A 48 0.20 4.95 -9.37
C GLN A 48 -0.83 4.31 -8.44
N GLN A 49 -1.13 3.07 -8.72
CA GLN A 49 -2.05 2.31 -7.92
C GLN A 49 -1.66 0.84 -7.99
N TRP A 50 -1.63 0.23 -6.83
CA TRP A 50 -0.90 -1.00 -6.58
C TRP A 50 -1.74 -1.86 -5.72
N GLY A 51 -1.31 -3.07 -5.49
CA GLY A 51 -2.05 -3.92 -4.64
C GLY A 51 -1.38 -5.26 -4.42
N GLY A 52 -2.17 -6.20 -3.97
CA GLY A 52 -1.69 -7.51 -3.66
C GLY A 52 -2.86 -8.43 -3.42
N VAL A 53 -2.64 -9.71 -3.52
CA VAL A 53 -3.70 -10.66 -3.54
C VAL A 53 -3.30 -11.88 -2.71
N PHE A 54 -4.20 -12.30 -1.87
CA PHE A 54 -4.01 -13.37 -0.95
C PHE A 54 -5.12 -14.37 -1.16
N TYR A 55 -4.94 -15.57 -0.68
CA TYR A 55 -5.91 -16.62 -0.94
C TYR A 55 -6.86 -16.81 0.21
N ALA A 56 -6.57 -16.21 1.35
CA ALA A 56 -7.27 -16.58 2.54
C ALA A 56 -7.18 -15.50 3.58
N GLU A 57 -8.14 -15.57 4.48
CA GLU A 57 -8.16 -14.89 5.79
C GLU A 57 -8.23 -13.37 5.70
N ILE A 58 -7.11 -12.82 5.28
CA ILE A 58 -6.79 -11.39 5.29
C ILE A 58 -7.97 -10.44 5.56
N LYS A 59 -8.42 -10.34 6.81
CA LYS A 59 -9.32 -9.25 7.18
C LYS A 59 -8.78 -8.51 8.37
N SER A 60 -7.78 -9.09 8.96
CA SER A 60 -6.91 -8.42 9.89
C SER A 60 -5.97 -7.52 9.12
N SER A 61 -5.54 -8.05 7.99
CA SER A 61 -4.76 -7.32 7.03
C SER A 61 -5.67 -6.38 6.28
N CYS A 62 -6.98 -6.56 6.47
CA CYS A 62 -7.97 -5.65 5.92
C CYS A 62 -7.96 -4.40 6.74
N ALA A 63 -7.20 -4.46 7.80
CA ALA A 63 -6.96 -3.29 8.57
C ALA A 63 -5.89 -2.48 7.84
N LYS A 64 -6.20 -1.25 7.48
CA LYS A 64 -5.33 -0.49 6.59
C LYS A 64 -5.16 0.91 7.09
N VAL A 65 -3.94 1.35 7.18
CA VAL A 65 -3.68 2.73 7.57
C VAL A 65 -2.83 3.46 6.56
N GLN A 66 -3.18 4.72 6.33
CA GLN A 66 -2.44 5.54 5.43
C GLN A 66 -2.02 6.83 6.10
N THR A 67 -0.84 7.28 5.73
CA THR A 67 -0.30 8.53 6.23
C THR A 67 -0.08 9.49 5.08
N ARG A 68 -0.54 10.71 5.22
CA ARG A 68 -0.19 11.75 4.28
C ARG A 68 -0.22 13.09 4.97
N LYS A 69 0.73 13.91 4.61
CA LYS A 69 0.91 15.21 5.23
C LYS A 69 1.66 16.10 4.27
N GLY A 70 1.95 15.56 3.10
CA GLY A 70 2.86 16.20 2.20
C GLY A 70 3.35 15.26 1.13
N SER A 71 4.65 15.03 1.12
CA SER A 71 5.28 14.26 0.07
C SER A 71 5.44 12.77 0.44
N LEU A 72 4.78 12.33 1.51
CA LEU A 72 4.81 10.92 1.86
C LEU A 72 3.42 10.37 2.17
N LEU A 73 3.09 9.27 1.51
CA LEU A 73 1.86 8.53 1.73
C LEU A 73 2.21 7.14 2.21
N HIS A 74 1.50 6.65 3.18
CA HIS A 74 1.80 5.35 3.79
C HIS A 74 0.63 4.40 3.64
N LEU A 75 0.91 3.14 3.37
CA LEU A 75 -0.01 2.09 3.70
C LEU A 75 0.68 1.25 4.72
N THR A 76 0.11 1.17 5.90
CA THR A 76 0.55 0.24 6.90
C THR A 76 -0.32 -1.00 6.86
N LEU A 77 0.32 -2.09 6.46
CA LEU A 77 -0.33 -3.35 6.18
C LEU A 77 0.00 -4.35 7.27
N PRO A 78 -0.90 -4.68 8.20
CA PRO A 78 -0.59 -5.67 9.22
C PRO A 78 -0.23 -7.00 8.58
N LYS A 79 0.95 -7.49 8.92
CA LYS A 79 1.47 -8.74 8.37
C LYS A 79 0.93 -9.94 9.12
N LYS A 80 0.35 -10.88 8.39
CA LYS A 80 -0.06 -12.13 9.01
C LYS A 80 0.32 -13.31 8.11
N VAL A 81 0.66 -13.03 6.87
CA VAL A 81 1.09 -14.06 5.93
C VAL A 81 2.56 -13.87 5.58
N PRO A 82 3.43 -14.62 6.28
CA PRO A 82 4.87 -14.47 6.16
C PRO A 82 5.48 -15.18 4.95
N MET A 83 6.60 -14.62 4.50
CA MET A 83 7.59 -15.30 3.64
C MET A 83 7.09 -15.52 2.23
N LEU A 84 6.00 -14.86 1.90
CA LEU A 84 5.41 -15.00 0.60
C LEU A 84 6.17 -14.13 -0.38
N THR A 85 6.44 -14.68 -1.54
CA THR A 85 7.28 -14.01 -2.51
C THR A 85 6.47 -13.54 -3.69
N TRP A 86 6.39 -12.23 -3.83
CA TRP A 86 5.53 -11.60 -4.81
C TRP A 86 6.23 -11.51 -6.15
N PRO A 87 5.45 -11.59 -7.24
CA PRO A 87 5.97 -11.65 -8.61
C PRO A 87 6.54 -10.29 -9.03
N SER A 88 6.05 -9.27 -8.36
CA SER A 88 6.56 -7.92 -8.45
C SER A 88 6.18 -7.26 -7.13
N LEU A 89 6.71 -6.09 -6.85
CA LEU A 89 6.51 -5.47 -5.53
C LEU A 89 5.05 -5.30 -5.25
N LEU A 90 4.35 -4.73 -6.22
CA LEU A 90 2.94 -4.55 -6.15
C LEU A 90 2.33 -5.00 -7.45
N VAL A 91 1.42 -5.94 -7.36
CA VAL A 91 0.68 -6.45 -8.50
C VAL A 91 -0.50 -7.23 -7.98
N GLU A 92 -0.13 -8.34 -7.37
CA GLU A 92 -1.07 -9.36 -6.95
C GLU A 92 -0.33 -10.42 -6.13
N THR A 1 13.98 3.56 -2.79
CA THR A 1 13.59 4.88 -3.30
C THR A 1 13.97 4.97 -4.76
N PRO A 2 12.99 5.13 -5.65
CA PRO A 2 13.23 5.14 -7.07
C PRO A 2 13.83 6.45 -7.47
N GLU A 3 14.52 6.48 -8.59
CA GLU A 3 15.04 7.72 -9.12
C GLU A 3 13.90 8.60 -9.65
N LEU A 4 12.93 8.80 -8.76
CA LEU A 4 11.75 9.63 -8.98
C LEU A 4 11.36 10.25 -7.65
N ALA A 5 10.68 9.47 -6.78
CA ALA A 5 10.33 9.92 -5.43
C ALA A 5 9.45 8.93 -4.64
N LEU A 6 9.29 7.68 -5.08
CA LEU A 6 8.28 6.84 -4.42
C LEU A 6 8.87 5.62 -3.71
N ASP A 7 8.74 5.59 -2.40
CA ASP A 7 9.51 4.62 -1.65
C ASP A 7 8.62 3.71 -0.81
N TRP A 8 8.87 2.42 -0.92
CA TRP A 8 8.16 1.41 -0.17
C TRP A 8 9.15 0.50 0.50
N ARG A 9 8.68 -0.27 1.43
CA ARG A 9 9.45 -1.33 1.99
C ARG A 9 8.53 -2.45 2.44
N GLN A 10 8.96 -3.67 2.26
CA GLN A 10 8.18 -4.81 2.71
C GLN A 10 9.04 -5.68 3.61
N SER A 11 8.43 -6.13 4.69
CA SER A 11 9.06 -7.03 5.59
C SER A 11 8.04 -8.10 5.95
N ALA A 12 8.46 -9.12 6.66
CA ALA A 12 7.58 -10.21 7.05
C ALA A 12 6.47 -9.73 7.98
N GLU A 13 6.67 -8.52 8.45
CA GLU A 13 5.87 -7.93 9.50
C GLU A 13 4.91 -6.87 8.96
N GLU A 14 5.26 -6.25 7.85
CA GLU A 14 4.51 -5.11 7.35
C GLU A 14 4.81 -4.82 5.90
N VAL A 15 3.79 -4.35 5.19
CA VAL A 15 4.02 -3.78 3.87
C VAL A 15 3.87 -2.29 4.00
N ILE A 16 4.93 -1.60 3.62
CA ILE A 16 4.97 -0.16 3.66
C ILE A 16 5.14 0.40 2.28
N VAL A 17 4.17 1.16 1.85
CA VAL A 17 4.25 1.86 0.60
C VAL A 17 3.98 3.34 0.86
N LYS A 18 4.95 4.16 0.50
CA LYS A 18 4.90 5.57 0.71
C LYS A 18 4.93 6.26 -0.64
N LEU A 19 3.90 7.01 -0.89
CA LEU A 19 3.68 7.57 -2.18
C LEU A 19 3.84 9.09 -2.10
N ARG A 20 4.47 9.66 -3.11
CA ARG A 20 4.81 11.07 -3.09
C ARG A 20 3.83 11.88 -3.94
N VAL A 21 3.09 12.76 -3.29
CA VAL A 21 2.14 13.65 -3.98
C VAL A 21 2.75 15.04 -4.16
N GLY A 22 2.51 15.61 -5.33
CA GLY A 22 2.97 16.95 -5.62
C GLY A 22 1.91 17.80 -6.25
N VAL A 23 0.68 17.64 -5.82
CA VAL A 23 -0.40 18.40 -6.40
C VAL A 23 -0.64 19.67 -5.59
N GLY A 24 -0.08 19.69 -4.39
CA GLY A 24 -0.29 20.79 -3.48
C GLY A 24 -0.76 20.29 -2.14
N PRO A 25 -2.07 20.34 -1.88
CA PRO A 25 -2.66 19.80 -0.66
C PRO A 25 -2.76 18.30 -0.72
N LEU A 26 -2.60 17.65 0.42
CA LEU A 26 -2.83 16.26 0.55
C LEU A 26 -4.15 16.03 1.24
N GLN A 27 -5.03 15.39 0.53
CA GLN A 27 -6.35 15.09 1.00
C GLN A 27 -6.58 13.59 0.95
N LEU A 28 -7.54 13.07 1.67
CA LEU A 28 -7.85 11.64 1.65
C LEU A 28 -8.06 11.17 0.22
N GLU A 29 -8.45 12.11 -0.60
CA GLU A 29 -8.67 11.91 -2.01
C GLU A 29 -7.39 11.51 -2.76
N ASP A 30 -6.24 11.68 -2.12
CA ASP A 30 -4.99 11.36 -2.75
C ASP A 30 -4.67 9.87 -2.62
N VAL A 31 -5.41 9.16 -1.80
CA VAL A 31 -5.28 7.70 -1.72
C VAL A 31 -6.62 7.01 -1.92
N ASP A 32 -6.66 6.00 -2.75
CA ASP A 32 -7.80 5.11 -2.78
C ASP A 32 -7.36 3.73 -2.33
N ALA A 33 -7.67 3.39 -1.11
CA ALA A 33 -7.27 2.10 -0.61
C ALA A 33 -8.48 1.22 -0.38
N ALA A 34 -8.50 0.08 -1.05
CA ALA A 34 -9.61 -0.86 -0.91
C ALA A 34 -9.09 -2.09 -0.23
N PHE A 35 -9.86 -2.72 0.60
CA PHE A 35 -9.35 -3.89 1.27
C PHE A 35 -10.41 -4.99 1.31
N THR A 36 -9.96 -6.21 1.13
CA THR A 36 -10.81 -7.37 1.22
C THR A 36 -10.15 -8.41 2.11
N ASP A 37 -10.89 -9.45 2.48
CA ASP A 37 -10.34 -10.52 3.29
C ASP A 37 -9.45 -11.38 2.44
N THR A 38 -9.48 -11.16 1.14
CA THR A 38 -8.64 -11.91 0.28
C THR A 38 -7.79 -11.00 -0.62
N ASP A 39 -7.86 -9.71 -0.41
CA ASP A 39 -7.03 -8.79 -1.19
C ASP A 39 -7.04 -7.41 -0.58
N CYS A 40 -6.21 -6.52 -1.08
CA CYS A 40 -6.28 -5.14 -0.68
C CYS A 40 -5.62 -4.26 -1.74
N VAL A 41 -5.93 -2.98 -1.66
CA VAL A 41 -5.67 -2.02 -2.71
C VAL A 41 -5.06 -0.76 -2.18
N VAL A 42 -4.05 -0.33 -2.87
CA VAL A 42 -3.35 0.90 -2.62
C VAL A 42 -3.51 1.78 -3.84
N ARG A 43 -4.03 2.95 -3.68
CA ARG A 43 -4.03 3.87 -4.78
C ARG A 43 -3.42 5.19 -4.45
N PHE A 44 -2.56 5.63 -5.34
CA PHE A 44 -2.01 6.95 -5.32
C PHE A 44 -2.80 7.86 -6.25
N ALA A 45 -2.84 9.15 -5.91
CA ALA A 45 -3.69 10.13 -6.59
C ALA A 45 -3.44 10.22 -8.10
N GLY A 46 -2.35 9.64 -8.56
CA GLY A 46 -2.04 9.65 -9.99
C GLY A 46 -2.30 8.30 -10.63
N GLY A 47 -1.25 7.70 -11.20
CA GLY A 47 -1.40 6.43 -11.87
C GLY A 47 -0.61 5.31 -11.20
N GLN A 48 -0.29 5.53 -9.93
CA GLN A 48 0.46 4.58 -9.15
C GLN A 48 -0.46 3.90 -8.14
N GLN A 49 -0.76 2.63 -8.38
CA GLN A 49 -1.74 1.93 -7.57
C GLN A 49 -1.41 0.43 -7.51
N TRP A 50 -1.48 -0.10 -6.31
CA TRP A 50 -0.89 -1.39 -5.95
C TRP A 50 -1.81 -2.08 -4.98
N GLY A 51 -1.45 -3.28 -4.62
CA GLY A 51 -2.23 -4.00 -3.66
C GLY A 51 -1.69 -5.39 -3.49
N GLY A 52 -2.49 -6.28 -2.97
CA GLY A 52 -2.09 -7.66 -2.84
C GLY A 52 -3.27 -8.56 -2.92
N VAL A 53 -3.02 -9.83 -3.21
CA VAL A 53 -4.10 -10.73 -3.48
C VAL A 53 -3.85 -12.07 -2.78
N PHE A 54 -4.82 -12.47 -2.02
CA PHE A 54 -4.81 -13.68 -1.26
C PHE A 54 -6.06 -14.46 -1.60
N TYR A 55 -6.09 -15.71 -1.26
CA TYR A 55 -7.24 -16.54 -1.53
C TYR A 55 -8.17 -16.57 -0.36
N ALA A 56 -7.65 -16.18 0.78
CA ALA A 56 -8.37 -16.37 1.99
C ALA A 56 -7.79 -15.54 3.10
N GLU A 57 -8.48 -15.61 4.21
CA GLU A 57 -8.01 -15.18 5.55
C GLU A 57 -7.87 -13.69 5.70
N ILE A 58 -7.00 -13.15 4.87
CA ILE A 58 -6.39 -11.84 5.06
C ILE A 58 -7.37 -10.76 5.54
N LYS A 59 -7.44 -10.62 6.85
CA LYS A 59 -8.01 -9.43 7.44
C LYS A 59 -6.87 -8.60 7.94
N SER A 60 -5.71 -9.20 7.80
CA SER A 60 -4.46 -8.58 8.06
C SER A 60 -4.08 -7.59 6.96
N SER A 61 -4.20 -8.02 5.71
CA SER A 61 -4.06 -7.13 4.56
C SER A 61 -5.34 -6.36 4.35
N CYS A 62 -6.37 -6.85 5.01
CA CYS A 62 -7.68 -6.23 5.01
C CYS A 62 -7.61 -5.08 6.01
N ALA A 63 -6.56 -5.16 6.77
CA ALA A 63 -6.22 -4.11 7.68
C ALA A 63 -5.20 -3.20 7.05
N LYS A 64 -5.55 -1.94 6.93
CA LYS A 64 -4.68 -0.99 6.27
C LYS A 64 -4.70 0.32 7.02
N VAL A 65 -3.56 0.94 7.15
CA VAL A 65 -3.52 2.31 7.60
C VAL A 65 -2.76 3.16 6.62
N GLN A 66 -3.25 4.36 6.37
CA GLN A 66 -2.62 5.24 5.43
C GLN A 66 -2.33 6.59 6.05
N THR A 67 -1.27 7.20 5.59
CA THR A 67 -0.88 8.53 6.03
C THR A 67 -0.74 9.43 4.82
N ARG A 68 -1.41 10.57 4.85
CA ARG A 68 -1.19 11.58 3.83
C ARG A 68 -1.16 12.94 4.48
N LYS A 69 -0.28 13.81 4.00
CA LYS A 69 -0.01 15.07 4.66
C LYS A 69 0.94 15.90 3.82
N GLY A 70 1.79 15.21 3.07
CA GLY A 70 2.82 15.89 2.35
C GLY A 70 3.49 15.01 1.32
N SER A 71 4.78 14.79 1.51
CA SER A 71 5.58 14.07 0.53
C SER A 71 5.53 12.57 0.77
N LEU A 72 4.78 12.14 1.77
CA LEU A 72 4.66 10.72 2.06
C LEU A 72 3.20 10.30 2.22
N LEU A 73 2.82 9.28 1.48
CA LEU A 73 1.55 8.63 1.63
C LEU A 73 1.78 7.18 2.01
N HIS A 74 1.30 6.80 3.16
CA HIS A 74 1.64 5.53 3.80
C HIS A 74 0.56 4.49 3.62
N LEU A 75 0.95 3.26 3.42
CA LEU A 75 0.12 2.14 3.72
C LEU A 75 0.89 1.30 4.70
N THR A 76 0.35 1.15 5.88
CA THR A 76 0.90 0.26 6.85
C THR A 76 0.11 -1.02 6.85
N LEU A 77 0.76 -2.07 6.41
CA LEU A 77 0.14 -3.37 6.33
C LEU A 77 0.55 -4.23 7.51
N PRO A 78 -0.39 -4.51 8.42
CA PRO A 78 -0.17 -5.40 9.56
C PRO A 78 0.34 -6.76 9.11
N LYS A 79 1.03 -7.45 10.01
CA LYS A 79 1.72 -8.68 9.68
C LYS A 79 0.76 -9.70 9.06
N LYS A 80 1.14 -10.15 7.88
CA LYS A 80 0.32 -11.08 7.10
C LYS A 80 0.88 -12.50 7.26
N VAL A 81 0.92 -13.24 6.16
CA VAL A 81 1.54 -14.56 6.18
C VAL A 81 2.99 -14.43 5.71
N PRO A 82 3.92 -14.72 6.62
CA PRO A 82 5.35 -14.59 6.34
C PRO A 82 5.91 -15.73 5.51
N MET A 83 7.08 -15.48 4.90
CA MET A 83 7.94 -16.49 4.26
C MET A 83 7.29 -17.05 3.01
N LEU A 84 6.41 -16.26 2.44
CA LEU A 84 5.78 -16.57 1.19
C LEU A 84 6.25 -15.56 0.18
N THR A 85 6.54 -16.01 -1.01
CA THR A 85 7.29 -15.22 -1.95
C THR A 85 6.39 -14.37 -2.83
N TRP A 86 6.50 -13.06 -2.65
CA TRP A 86 5.75 -12.11 -3.43
C TRP A 86 6.60 -11.63 -4.59
N PRO A 87 6.08 -11.70 -5.82
CA PRO A 87 6.74 -11.15 -7.01
C PRO A 87 7.04 -9.67 -6.83
N SER A 88 6.16 -9.02 -6.10
CA SER A 88 6.26 -7.62 -5.79
C SER A 88 5.36 -7.35 -4.60
N LEU A 89 5.43 -6.15 -4.09
CA LEU A 89 4.48 -5.70 -3.05
C LEU A 89 3.09 -5.90 -3.58
N LEU A 90 2.97 -5.64 -4.86
CA LEU A 90 1.73 -5.76 -5.56
C LEU A 90 1.78 -7.02 -6.40
N VAL A 91 0.74 -7.82 -6.28
CA VAL A 91 0.72 -9.13 -6.89
C VAL A 91 -0.31 -9.18 -8.00
N GLU A 92 -1.56 -9.12 -7.55
CA GLU A 92 -2.73 -9.10 -8.40
C GLU A 92 -2.68 -10.18 -9.48
N THR A 1 3.29 6.41 -11.00
CA THR A 1 4.71 6.33 -10.63
C THR A 1 5.30 7.72 -10.59
N PRO A 2 5.70 8.22 -9.41
CA PRO A 2 6.18 9.59 -9.30
C PRO A 2 7.54 9.75 -9.95
N GLU A 3 7.72 10.87 -10.64
CA GLU A 3 8.89 11.09 -11.48
C GLU A 3 10.12 11.48 -10.66
N LEU A 4 10.41 10.67 -9.66
CA LEU A 4 11.60 10.84 -8.83
C LEU A 4 11.93 9.52 -8.14
N ALA A 5 10.99 9.02 -7.36
CA ALA A 5 11.18 7.78 -6.63
C ALA A 5 9.87 7.34 -5.97
N LEU A 6 9.65 6.03 -5.97
CA LEU A 6 8.56 5.43 -5.24
C LEU A 6 9.18 4.71 -4.06
N ASP A 7 8.63 4.79 -2.85
CA ASP A 7 9.27 4.08 -1.76
C ASP A 7 8.29 3.21 -1.02
N TRP A 8 8.65 1.94 -0.88
CA TRP A 8 7.87 0.96 -0.15
C TRP A 8 8.84 0.03 0.54
N ARG A 9 8.34 -0.78 1.43
CA ARG A 9 9.11 -1.88 1.93
C ARG A 9 8.17 -3.00 2.28
N GLN A 10 8.63 -4.21 2.15
CA GLN A 10 7.92 -5.33 2.71
C GLN A 10 8.85 -6.10 3.63
N SER A 11 8.33 -6.47 4.76
CA SER A 11 9.01 -7.31 5.69
C SER A 11 8.01 -8.31 6.23
N ALA A 12 8.49 -9.27 6.99
CA ALA A 12 7.62 -10.28 7.58
C ALA A 12 6.57 -9.67 8.48
N GLU A 13 6.77 -8.40 8.77
CA GLU A 13 6.04 -7.68 9.80
C GLU A 13 5.03 -6.69 9.24
N GLU A 14 5.28 -6.15 8.05
CA GLU A 14 4.50 -5.03 7.56
C GLU A 14 4.66 -4.85 6.07
N VAL A 15 3.59 -4.41 5.41
CA VAL A 15 3.72 -3.94 4.05
C VAL A 15 3.62 -2.43 4.06
N ILE A 16 4.69 -1.79 3.63
CA ILE A 16 4.75 -0.35 3.66
C ILE A 16 4.85 0.20 2.26
N VAL A 17 3.96 1.11 1.93
CA VAL A 17 4.01 1.79 0.66
C VAL A 17 3.91 3.29 0.89
N LYS A 18 4.89 4.01 0.38
CA LYS A 18 4.99 5.44 0.56
C LYS A 18 4.89 6.12 -0.78
N LEU A 19 3.91 6.99 -0.88
CA LEU A 19 3.57 7.61 -2.11
C LEU A 19 3.71 9.13 -1.95
N ARG A 20 4.48 9.73 -2.82
CA ARG A 20 4.75 11.16 -2.72
C ARG A 20 3.83 11.92 -3.67
N VAL A 21 3.21 12.97 -3.16
CA VAL A 21 2.20 13.69 -3.92
C VAL A 21 2.77 14.93 -4.59
N GLY A 22 2.67 14.95 -5.91
CA GLY A 22 3.03 16.10 -6.68
C GLY A 22 1.97 16.42 -7.68
N VAL A 23 0.73 16.17 -7.31
CA VAL A 23 -0.35 16.28 -8.24
C VAL A 23 -1.17 17.53 -7.94
N GLY A 24 -0.59 18.38 -7.10
CA GLY A 24 -1.28 19.55 -6.62
C GLY A 24 -1.49 19.46 -5.12
N PRO A 25 -2.66 19.88 -4.63
CA PRO A 25 -3.01 19.77 -3.22
C PRO A 25 -3.37 18.35 -2.84
N LEU A 26 -2.79 17.90 -1.75
CA LEU A 26 -3.06 16.61 -1.20
C LEU A 26 -4.42 16.59 -0.54
N GLN A 27 -5.28 15.78 -1.08
CA GLN A 27 -6.57 15.51 -0.51
C GLN A 27 -6.68 14.01 -0.29
N LEU A 28 -7.58 13.54 0.55
CA LEU A 28 -7.60 12.11 0.91
C LEU A 28 -7.62 11.21 -0.33
N GLU A 29 -8.11 11.76 -1.45
CA GLU A 29 -8.24 11.02 -2.68
C GLU A 29 -6.89 10.61 -3.26
N ASP A 30 -5.81 11.08 -2.63
CA ASP A 30 -4.49 10.76 -3.11
C ASP A 30 -4.08 9.37 -2.65
N VAL A 31 -4.82 8.81 -1.70
CA VAL A 31 -4.78 7.38 -1.46
C VAL A 31 -6.19 6.80 -1.42
N ASP A 32 -6.50 5.86 -2.30
CA ASP A 32 -7.68 5.05 -2.12
C ASP A 32 -7.27 3.61 -1.88
N ALA A 33 -7.34 3.17 -0.64
CA ALA A 33 -6.93 1.84 -0.32
C ALA A 33 -8.15 0.96 -0.08
N ALA A 34 -8.29 -0.09 -0.86
CA ALA A 34 -9.48 -0.93 -0.79
C ALA A 34 -9.11 -2.32 -0.31
N PHE A 35 -9.63 -2.72 0.81
CA PHE A 35 -9.15 -3.93 1.43
C PHE A 35 -10.25 -4.98 1.52
N THR A 36 -9.91 -6.18 1.14
CA THR A 36 -10.79 -7.32 1.25
C THR A 36 -10.06 -8.47 1.90
N ASP A 37 -10.81 -9.50 2.26
CA ASP A 37 -10.25 -10.61 2.98
C ASP A 37 -9.45 -11.50 2.08
N THR A 38 -9.54 -11.25 0.79
CA THR A 38 -8.75 -12.00 -0.13
C THR A 38 -8.03 -11.09 -1.12
N ASP A 39 -8.13 -9.79 -0.93
CA ASP A 39 -7.33 -8.86 -1.72
C ASP A 39 -7.39 -7.49 -1.10
N CYS A 40 -6.38 -6.68 -1.32
CA CYS A 40 -6.41 -5.32 -0.82
C CYS A 40 -5.61 -4.41 -1.74
N VAL A 41 -5.91 -3.12 -1.65
CA VAL A 41 -5.64 -2.18 -2.69
C VAL A 41 -5.01 -0.93 -2.15
N VAL A 42 -4.05 -0.48 -2.91
CA VAL A 42 -3.38 0.75 -2.69
C VAL A 42 -3.66 1.64 -3.88
N ARG A 43 -4.18 2.80 -3.67
CA ARG A 43 -4.29 3.70 -4.78
C ARG A 43 -3.67 5.05 -4.50
N PHE A 44 -2.85 5.50 -5.42
CA PHE A 44 -2.36 6.87 -5.42
C PHE A 44 -3.31 7.74 -6.22
N ALA A 45 -3.19 9.07 -6.10
CA ALA A 45 -4.06 9.98 -6.86
C ALA A 45 -3.99 9.69 -8.35
N GLY A 46 -2.82 9.25 -8.80
CA GLY A 46 -2.63 8.96 -10.21
C GLY A 46 -2.58 7.46 -10.48
N GLY A 47 -1.55 7.05 -11.22
CA GLY A 47 -1.45 5.66 -11.64
C GLY A 47 -0.65 4.80 -10.68
N GLN A 48 -0.19 5.38 -9.58
CA GLN A 48 0.57 4.65 -8.61
C GLN A 48 -0.37 3.90 -7.65
N GLN A 49 -1.08 2.97 -8.24
CA GLN A 49 -2.06 2.18 -7.55
C GLN A 49 -1.64 0.71 -7.63
N TRP A 50 -1.72 0.06 -6.50
CA TRP A 50 -1.12 -1.25 -6.28
C TRP A 50 -1.98 -2.01 -5.33
N GLY A 51 -1.62 -3.23 -5.08
CA GLY A 51 -2.35 -4.02 -4.15
C GLY A 51 -1.83 -5.43 -4.12
N GLY A 52 -2.59 -6.32 -3.53
CA GLY A 52 -2.22 -7.71 -3.49
C GLY A 52 -3.43 -8.58 -3.47
N VAL A 53 -3.25 -9.83 -3.80
CA VAL A 53 -4.35 -10.70 -4.00
C VAL A 53 -4.08 -12.04 -3.32
N PHE A 54 -5.04 -12.45 -2.52
CA PHE A 54 -4.96 -13.62 -1.72
C PHE A 54 -6.19 -14.46 -2.00
N TYR A 55 -6.13 -15.69 -1.61
CA TYR A 55 -7.27 -16.58 -1.79
C TYR A 55 -8.10 -16.65 -0.55
N ALA A 56 -7.56 -16.17 0.55
CA ALA A 56 -8.20 -16.36 1.79
C ALA A 56 -7.66 -15.44 2.86
N GLU A 57 -8.33 -15.55 3.98
CA GLU A 57 -7.88 -15.10 5.31
C GLU A 57 -7.88 -13.60 5.50
N ILE A 58 -7.11 -12.95 4.66
CA ILE A 58 -6.66 -11.58 4.83
C ILE A 58 -7.66 -10.66 5.54
N LYS A 59 -7.47 -10.52 6.82
CA LYS A 59 -8.06 -9.40 7.54
C LYS A 59 -6.93 -8.60 8.13
N SER A 60 -5.77 -9.18 7.97
CA SER A 60 -4.52 -8.54 8.26
C SER A 60 -4.15 -7.52 7.19
N SER A 61 -4.26 -7.93 5.93
CA SER A 61 -4.11 -7.03 4.79
C SER A 61 -5.41 -6.25 4.60
N CYS A 62 -6.42 -6.66 5.34
CA CYS A 62 -7.66 -5.91 5.44
C CYS A 62 -7.40 -4.77 6.37
N ALA A 63 -6.36 -4.95 7.12
CA ALA A 63 -5.97 -3.95 8.03
C ALA A 63 -4.91 -3.10 7.38
N LYS A 64 -5.27 -1.87 7.12
CA LYS A 64 -4.40 -0.96 6.43
C LYS A 64 -4.59 0.45 6.96
N VAL A 65 -3.54 1.07 7.41
CA VAL A 65 -3.61 2.48 7.80
C VAL A 65 -2.53 3.28 7.12
N GLN A 66 -2.87 4.46 6.68
CA GLN A 66 -1.93 5.26 5.92
C GLN A 66 -1.92 6.71 6.36
N THR A 67 -0.72 7.28 6.27
CA THR A 67 -0.47 8.67 6.63
C THR A 67 -0.46 9.55 5.39
N ARG A 68 -1.13 10.69 5.45
CA ARG A 68 -0.97 11.72 4.43
C ARG A 68 -0.85 13.07 5.11
N LYS A 69 -0.16 13.98 4.47
CA LYS A 69 0.18 15.25 5.08
C LYS A 69 0.74 16.20 4.04
N GLY A 70 1.50 15.64 3.12
CA GLY A 70 2.15 16.43 2.11
C GLY A 70 2.80 15.56 1.07
N SER A 71 4.09 15.37 1.22
CA SER A 71 4.87 14.59 0.28
C SER A 71 5.05 13.16 0.78
N LEU A 72 4.29 12.77 1.79
CA LEU A 72 4.37 11.42 2.31
C LEU A 72 2.98 10.79 2.45
N LEU A 73 2.79 9.68 1.74
CA LEU A 73 1.61 8.84 1.91
C LEU A 73 2.10 7.46 2.28
N HIS A 74 1.78 7.02 3.46
CA HIS A 74 2.42 5.85 4.05
C HIS A 74 1.39 4.81 4.48
N LEU A 75 1.43 3.60 3.93
CA LEU A 75 0.51 2.57 4.35
C LEU A 75 1.23 1.62 5.25
N THR A 76 0.73 1.52 6.48
CA THR A 76 1.18 0.55 7.45
C THR A 76 0.23 -0.63 7.46
N LEU A 77 0.71 -1.75 6.98
CA LEU A 77 -0.06 -2.95 6.83
C LEU A 77 0.51 -4.06 7.71
N PRO A 78 -0.27 -4.53 8.71
CA PRO A 78 0.11 -5.61 9.62
C PRO A 78 0.54 -6.88 8.92
N LYS A 79 1.37 -7.67 9.59
CA LYS A 79 1.91 -8.89 9.01
C LYS A 79 0.82 -9.93 8.76
N LYS A 80 0.79 -10.42 7.54
CA LYS A 80 -0.13 -11.46 7.12
C LYS A 80 0.62 -12.80 7.08
N VAL A 81 0.82 -13.33 5.88
CA VAL A 81 1.74 -14.43 5.69
C VAL A 81 3.02 -13.90 5.05
N PRO A 82 4.14 -14.01 5.78
CA PRO A 82 5.44 -13.55 5.31
C PRO A 82 6.12 -14.52 4.34
N MET A 83 7.11 -14.02 3.60
CA MET A 83 8.05 -14.86 2.81
C MET A 83 7.37 -15.36 1.56
N LEU A 84 6.22 -14.79 1.29
CA LEU A 84 5.46 -15.10 0.13
C LEU A 84 6.06 -14.40 -1.05
N THR A 85 6.18 -15.09 -2.14
CA THR A 85 6.97 -14.61 -3.21
C THR A 85 6.13 -13.98 -4.31
N TRP A 86 6.19 -12.67 -4.34
CA TRP A 86 5.68 -11.89 -5.44
C TRP A 86 6.80 -11.10 -6.10
N PRO A 87 6.77 -11.00 -7.44
CA PRO A 87 7.79 -10.27 -8.20
C PRO A 87 7.79 -8.78 -7.88
N SER A 88 6.69 -8.30 -7.32
CA SER A 88 6.56 -6.93 -6.94
C SER A 88 5.43 -6.83 -5.91
N LEU A 89 5.29 -5.68 -5.31
CA LEU A 89 4.24 -5.45 -4.32
C LEU A 89 2.88 -5.75 -4.93
N LEU A 90 2.70 -5.26 -6.14
CA LEU A 90 1.46 -5.41 -6.84
C LEU A 90 1.63 -6.43 -7.94
N VAL A 91 0.75 -7.39 -7.96
CA VAL A 91 0.78 -8.41 -8.99
C VAL A 91 -0.62 -8.62 -9.52
N GLU A 92 -1.41 -9.25 -8.68
CA GLU A 92 -2.84 -9.45 -8.89
C GLU A 92 -3.07 -10.44 -10.03
N THR A 1 4.57 6.57 -10.25
CA THR A 1 6.04 6.62 -10.26
C THR A 1 6.50 8.06 -10.08
N PRO A 2 6.68 8.52 -8.84
CA PRO A 2 7.07 9.90 -8.62
C PRO A 2 8.52 10.14 -9.01
N GLU A 3 8.74 11.24 -9.68
CA GLU A 3 10.05 11.58 -10.20
C GLU A 3 10.83 12.41 -9.20
N LEU A 4 10.97 11.84 -8.02
CA LEU A 4 11.69 12.50 -6.93
C LEU A 4 11.99 11.49 -5.83
N ALA A 5 10.94 10.84 -5.32
CA ALA A 5 11.09 9.89 -4.23
C ALA A 5 10.00 8.83 -4.25
N LEU A 6 10.38 7.61 -4.57
CA LEU A 6 9.49 6.45 -4.46
C LEU A 6 10.01 5.60 -3.30
N ASP A 7 9.21 5.31 -2.29
CA ASP A 7 9.74 4.48 -1.22
C ASP A 7 8.70 3.53 -0.66
N TRP A 8 9.04 2.25 -0.66
CA TRP A 8 8.22 1.19 -0.12
C TRP A 8 9.12 0.21 0.54
N ARG A 9 8.54 -0.68 1.30
CA ARG A 9 9.27 -1.80 1.82
C ARG A 9 8.32 -2.95 2.02
N GLN A 10 8.85 -4.13 2.05
CA GLN A 10 8.12 -5.27 2.54
C GLN A 10 9.03 -6.14 3.38
N SER A 11 8.49 -6.59 4.50
CA SER A 11 9.16 -7.54 5.34
C SER A 11 8.10 -8.52 5.82
N ALA A 12 8.50 -9.54 6.56
CA ALA A 12 7.57 -10.53 7.07
C ALA A 12 6.52 -9.90 7.99
N GLU A 13 6.79 -8.67 8.34
CA GLU A 13 6.08 -7.97 9.39
C GLU A 13 5.11 -6.93 8.84
N GLU A 14 5.41 -6.36 7.67
CA GLU A 14 4.65 -5.22 7.18
C GLU A 14 4.88 -5.00 5.70
N VAL A 15 3.84 -4.54 5.01
CA VAL A 15 4.02 -3.98 3.68
C VAL A 15 3.88 -2.49 3.76
N ILE A 16 4.91 -1.79 3.35
CA ILE A 16 4.94 -0.35 3.39
C ILE A 16 5.07 0.24 2.02
N VAL A 17 4.18 1.15 1.70
CA VAL A 17 4.32 1.94 0.50
C VAL A 17 4.12 3.42 0.82
N LYS A 18 5.13 4.20 0.51
CA LYS A 18 5.14 5.62 0.73
C LYS A 18 5.23 6.36 -0.60
N LEU A 19 4.31 7.28 -0.80
CA LEU A 19 4.18 7.96 -2.08
C LEU A 19 4.12 9.46 -1.86
N ARG A 20 4.78 10.22 -2.72
CA ARG A 20 4.76 11.67 -2.59
C ARG A 20 3.76 12.29 -3.56
N VAL A 21 2.95 13.22 -3.05
CA VAL A 21 1.94 13.86 -3.87
C VAL A 21 2.45 15.20 -4.40
N GLY A 22 2.58 15.28 -5.71
CA GLY A 22 2.95 16.52 -6.34
C GLY A 22 1.93 16.89 -7.38
N VAL A 23 0.78 16.24 -7.33
CA VAL A 23 -0.20 16.38 -8.38
C VAL A 23 -0.96 17.70 -8.22
N GLY A 24 -0.80 18.29 -7.05
CA GLY A 24 -1.49 19.49 -6.70
C GLY A 24 -1.63 19.56 -5.20
N PRO A 25 -2.75 20.04 -4.68
CA PRO A 25 -3.00 20.06 -3.25
C PRO A 25 -3.43 18.69 -2.76
N LEU A 26 -2.90 18.29 -1.62
CA LEU A 26 -3.24 17.05 -1.03
C LEU A 26 -4.67 17.10 -0.52
N GLN A 27 -5.47 16.28 -1.12
CA GLN A 27 -6.83 16.08 -0.70
C GLN A 27 -7.00 14.62 -0.38
N LEU A 28 -7.96 14.33 0.49
CA LEU A 28 -8.09 13.01 1.14
C LEU A 28 -8.16 11.88 0.13
N GLU A 29 -8.57 12.22 -1.08
CA GLU A 29 -8.72 11.29 -2.18
C GLU A 29 -7.38 10.71 -2.63
N ASP A 30 -6.30 11.17 -2.05
CA ASP A 30 -4.99 11.01 -2.63
C ASP A 30 -4.44 9.60 -2.43
N VAL A 31 -5.09 8.82 -1.58
CA VAL A 31 -4.90 7.38 -1.58
C VAL A 31 -6.25 6.69 -1.72
N ASP A 32 -6.45 5.91 -2.76
CA ASP A 32 -7.61 5.04 -2.79
C ASP A 32 -7.18 3.67 -2.35
N ALA A 33 -7.44 3.32 -1.12
CA ALA A 33 -6.92 2.07 -0.62
C ALA A 33 -8.02 1.19 -0.05
N ALA A 34 -8.11 0.01 -0.60
CA ALA A 34 -9.04 -1.00 -0.13
C ALA A 34 -8.26 -2.21 0.27
N PHE A 35 -8.69 -2.94 1.23
CA PHE A 35 -8.10 -4.23 1.46
C PHE A 35 -9.20 -5.22 1.79
N THR A 36 -9.19 -6.33 1.09
CA THR A 36 -10.24 -7.30 1.22
C THR A 36 -9.72 -8.58 1.79
N ASP A 37 -10.64 -9.47 2.13
CA ASP A 37 -10.31 -10.67 2.85
C ASP A 37 -9.45 -11.56 2.01
N THR A 38 -9.54 -11.37 0.71
CA THR A 38 -8.76 -12.16 -0.19
C THR A 38 -8.09 -11.30 -1.28
N ASP A 39 -8.15 -9.98 -1.14
CA ASP A 39 -7.46 -9.11 -2.09
C ASP A 39 -7.13 -7.77 -1.47
N CYS A 40 -6.39 -6.94 -2.18
CA CYS A 40 -5.94 -5.67 -1.62
C CYS A 40 -5.82 -4.60 -2.68
N VAL A 41 -5.99 -3.36 -2.24
CA VAL A 41 -5.98 -2.19 -3.08
C VAL A 41 -5.19 -1.06 -2.46
N VAL A 42 -4.22 -0.63 -3.21
CA VAL A 42 -3.43 0.53 -2.92
C VAL A 42 -3.60 1.50 -4.07
N ARG A 43 -4.00 2.72 -3.81
CA ARG A 43 -3.96 3.70 -4.86
C ARG A 43 -3.20 4.93 -4.49
N PHE A 44 -2.39 5.36 -5.43
CA PHE A 44 -1.68 6.61 -5.31
C PHE A 44 -2.35 7.68 -6.18
N ALA A 45 -2.43 8.90 -5.64
CA ALA A 45 -3.06 10.04 -6.31
C ALA A 45 -2.43 10.34 -7.66
N GLY A 46 -1.18 9.93 -7.84
CA GLY A 46 -0.48 10.17 -9.07
C GLY A 46 -0.75 9.10 -10.12
N GLY A 47 -1.48 8.06 -9.74
CA GLY A 47 -1.85 7.03 -10.69
C GLY A 47 -1.51 5.62 -10.24
N GLN A 48 -0.27 5.42 -9.77
CA GLN A 48 0.20 4.10 -9.40
C GLN A 48 -0.66 3.48 -8.32
N GLN A 49 -1.19 2.33 -8.63
CA GLN A 49 -2.10 1.64 -7.77
C GLN A 49 -1.85 0.16 -7.86
N TRP A 50 -1.81 -0.45 -6.69
CA TRP A 50 -1.25 -1.76 -6.47
C TRP A 50 -2.15 -2.47 -5.50
N GLY A 51 -1.89 -3.71 -5.26
CA GLY A 51 -2.79 -4.44 -4.45
C GLY A 51 -2.19 -5.74 -3.98
N GLY A 52 -3.06 -6.66 -3.65
CA GLY A 52 -2.62 -7.98 -3.26
C GLY A 52 -3.69 -8.98 -3.50
N VAL A 53 -3.31 -10.24 -3.52
CA VAL A 53 -4.24 -11.28 -3.82
C VAL A 53 -4.04 -12.44 -2.85
N PHE A 54 -5.10 -12.76 -2.15
CA PHE A 54 -5.09 -13.77 -1.14
C PHE A 54 -6.23 -14.73 -1.44
N TYR A 55 -6.10 -15.93 -0.99
CA TYR A 55 -7.15 -16.92 -1.20
C TYR A 55 -8.04 -17.03 -0.01
N ALA A 56 -7.62 -16.43 1.09
CA ALA A 56 -8.28 -16.71 2.33
C ALA A 56 -8.02 -15.65 3.38
N GLU A 57 -8.97 -15.59 4.29
CA GLU A 57 -8.90 -14.90 5.62
C GLU A 57 -8.72 -13.40 5.56
N ILE A 58 -7.58 -13.00 5.03
CA ILE A 58 -6.98 -11.68 5.22
C ILE A 58 -7.97 -10.55 5.52
N LYS A 59 -8.32 -10.41 6.78
CA LYS A 59 -8.92 -9.18 7.25
C LYS A 59 -7.96 -8.57 8.25
N SER A 60 -6.95 -9.35 8.53
CA SER A 60 -5.81 -8.92 9.26
C SER A 60 -4.93 -8.04 8.41
N SER A 61 -4.75 -8.45 7.17
CA SER A 61 -4.12 -7.62 6.17
C SER A 61 -5.13 -6.61 5.62
N CYS A 62 -6.40 -6.78 5.99
CA CYS A 62 -7.44 -5.82 5.62
C CYS A 62 -7.29 -4.62 6.50
N ALA A 63 -6.43 -4.83 7.46
CA ALA A 63 -6.09 -3.81 8.38
C ALA A 63 -5.07 -2.90 7.71
N LYS A 64 -5.40 -1.63 7.56
CA LYS A 64 -4.55 -0.73 6.81
C LYS A 64 -4.46 0.61 7.49
N VAL A 65 -3.27 1.14 7.55
CA VAL A 65 -3.10 2.52 7.97
C VAL A 65 -2.37 3.33 6.92
N GLN A 66 -2.85 4.54 6.70
CA GLN A 66 -2.31 5.42 5.70
C GLN A 66 -1.93 6.74 6.34
N THR A 67 -0.85 7.31 5.87
CA THR A 67 -0.42 8.62 6.35
C THR A 67 -0.37 9.61 5.21
N ARG A 68 -1.05 10.73 5.38
CA ARG A 68 -1.06 11.78 4.38
C ARG A 68 -1.00 13.12 5.06
N LYS A 69 -0.41 14.09 4.37
CA LYS A 69 -0.16 15.40 4.95
C LYS A 69 0.51 16.29 3.92
N GLY A 70 1.22 15.68 3.00
CA GLY A 70 2.03 16.43 2.09
C GLY A 70 2.64 15.57 1.02
N SER A 71 3.92 15.34 1.15
CA SER A 71 4.66 14.55 0.18
C SER A 71 4.90 13.13 0.69
N LEU A 72 4.18 12.77 1.75
CA LEU A 72 4.27 11.41 2.25
C LEU A 72 2.89 10.76 2.34
N LEU A 73 2.75 9.65 1.62
CA LEU A 73 1.59 8.77 1.71
C LEU A 73 2.06 7.43 2.21
N HIS A 74 1.36 6.86 3.15
CA HIS A 74 1.78 5.64 3.82
C HIS A 74 0.73 4.55 3.71
N LEU A 75 1.14 3.32 3.49
CA LEU A 75 0.30 2.20 3.75
C LEU A 75 1.07 1.32 4.70
N THR A 76 0.52 1.13 5.87
CA THR A 76 1.10 0.23 6.85
C THR A 76 0.29 -1.04 6.90
N LEU A 77 0.93 -2.13 6.51
CA LEU A 77 0.27 -3.39 6.39
C LEU A 77 0.76 -4.38 7.45
N PRO A 78 -0.12 -4.81 8.36
CA PRO A 78 0.17 -5.87 9.34
C PRO A 78 0.65 -7.15 8.64
N LYS A 79 1.41 -7.96 9.38
CA LYS A 79 2.07 -9.13 8.80
C LYS A 79 1.07 -10.06 8.13
N LYS A 80 1.42 -10.47 6.93
CA LYS A 80 0.55 -11.24 6.08
C LYS A 80 0.90 -12.73 6.13
N VAL A 81 0.50 -13.44 5.09
CA VAL A 81 0.71 -14.88 4.98
C VAL A 81 1.67 -15.18 3.85
N PRO A 82 2.45 -16.28 3.97
CA PRO A 82 3.42 -16.69 2.95
C PRO A 82 2.81 -16.76 1.56
N MET A 83 3.67 -16.76 0.53
CA MET A 83 3.30 -16.41 -0.87
C MET A 83 3.22 -14.89 -0.96
N LEU A 84 3.97 -14.27 -0.07
CA LEU A 84 3.96 -12.86 0.12
C LEU A 84 5.09 -12.26 -0.67
N THR A 85 4.80 -11.14 -1.28
CA THR A 85 5.66 -10.58 -2.28
C THR A 85 6.80 -9.78 -1.68
N TRP A 86 8.00 -10.24 -1.99
CA TRP A 86 9.23 -9.66 -1.46
C TRP A 86 9.60 -8.47 -2.32
N PRO A 87 10.35 -7.50 -1.76
CA PRO A 87 10.44 -6.12 -2.24
C PRO A 87 9.63 -5.83 -3.50
N SER A 88 8.32 -5.94 -3.34
CA SER A 88 7.36 -5.63 -4.36
C SER A 88 6.03 -5.40 -3.67
N LEU A 89 5.26 -4.51 -4.25
CA LEU A 89 4.08 -3.98 -3.60
C LEU A 89 2.85 -4.87 -3.77
N LEU A 90 2.63 -5.32 -4.99
CA LEU A 90 1.44 -6.09 -5.30
C LEU A 90 1.82 -7.47 -5.76
N VAL A 91 0.88 -8.39 -5.70
CA VAL A 91 1.15 -9.76 -6.08
C VAL A 91 0.79 -9.93 -7.54
N GLU A 92 1.13 -8.94 -8.33
CA GLU A 92 0.67 -8.90 -9.69
C GLU A 92 1.81 -8.59 -10.64
N THR A 1 4.02 7.23 -10.57
CA THR A 1 5.47 7.30 -10.43
C THR A 1 5.88 8.73 -10.16
N PRO A 2 6.21 9.07 -8.91
CA PRO A 2 6.58 10.43 -8.56
C PRO A 2 7.94 10.82 -9.11
N GLU A 3 8.14 12.10 -9.37
CA GLU A 3 9.37 12.57 -9.97
C GLU A 3 10.49 12.66 -8.92
N LEU A 4 10.92 11.50 -8.44
CA LEU A 4 12.01 11.41 -7.48
C LEU A 4 12.29 9.95 -7.16
N ALA A 5 11.33 9.32 -6.49
CA ALA A 5 11.45 7.93 -6.07
C ALA A 5 10.14 7.44 -5.48
N LEU A 6 9.90 6.15 -5.59
CA LEU A 6 8.76 5.50 -4.95
C LEU A 6 9.31 4.66 -3.82
N ASP A 7 8.87 4.84 -2.58
CA ASP A 7 9.53 4.10 -1.52
C ASP A 7 8.56 3.23 -0.74
N TRP A 8 8.91 1.96 -0.60
CA TRP A 8 8.13 0.99 0.13
C TRP A 8 9.05 0.15 0.95
N ARG A 9 8.48 -0.62 1.83
CA ARG A 9 9.21 -1.63 2.53
C ARG A 9 8.28 -2.78 2.83
N GLN A 10 8.85 -3.92 3.04
CA GLN A 10 8.11 -5.04 3.56
C GLN A 10 8.94 -5.79 4.57
N SER A 11 8.30 -6.20 5.66
CA SER A 11 8.91 -7.02 6.66
C SER A 11 7.89 -8.07 7.04
N ALA A 12 8.29 -9.03 7.86
CA ALA A 12 7.42 -10.11 8.27
C ALA A 12 6.20 -9.60 9.03
N GLU A 13 6.26 -8.33 9.37
CA GLU A 13 5.33 -7.70 10.29
C GLU A 13 4.39 -6.72 9.59
N GLU A 14 4.84 -6.13 8.49
CA GLU A 14 4.12 -5.02 7.89
C GLU A 14 4.52 -4.83 6.45
N VAL A 15 3.55 -4.46 5.63
CA VAL A 15 3.82 -4.11 4.27
C VAL A 15 3.63 -2.61 4.11
N ILE A 16 4.69 -1.92 3.73
CA ILE A 16 4.65 -0.47 3.68
C ILE A 16 4.86 0.03 2.29
N VAL A 17 3.97 0.89 1.86
CA VAL A 17 4.14 1.61 0.62
C VAL A 17 3.98 3.09 0.88
N LYS A 18 5.01 3.84 0.53
CA LYS A 18 5.05 5.26 0.74
C LYS A 18 5.07 5.95 -0.59
N LEU A 19 4.09 6.78 -0.80
CA LEU A 19 3.87 7.36 -2.07
C LEU A 19 4.07 8.86 -1.94
N ARG A 20 5.05 9.37 -2.65
CA ARG A 20 5.39 10.78 -2.54
C ARG A 20 4.68 11.53 -3.66
N VAL A 21 4.15 12.70 -3.35
CA VAL A 21 3.12 13.29 -4.17
C VAL A 21 3.74 14.17 -5.24
N GLY A 22 3.49 13.79 -6.48
CA GLY A 22 3.96 14.55 -7.62
C GLY A 22 2.83 14.91 -8.53
N VAL A 23 1.63 14.54 -8.15
CA VAL A 23 0.47 14.78 -8.99
C VAL A 23 -0.04 16.20 -8.78
N GLY A 24 0.51 16.84 -7.76
CA GLY A 24 0.06 18.14 -7.35
C GLY A 24 0.06 18.24 -5.86
N PRO A 25 -0.91 18.95 -5.27
CA PRO A 25 -1.07 19.01 -3.83
C PRO A 25 -1.75 17.76 -3.30
N LEU A 26 -1.25 17.27 -2.19
CA LEU A 26 -1.81 16.11 -1.58
C LEU A 26 -3.18 16.42 -1.02
N GLN A 27 -4.14 15.75 -1.58
CA GLN A 27 -5.52 15.88 -1.19
C GLN A 27 -6.03 14.52 -0.74
N LEU A 28 -7.09 14.55 0.04
CA LEU A 28 -7.57 13.39 0.79
C LEU A 28 -7.76 12.15 -0.07
N GLU A 29 -8.05 12.38 -1.33
CA GLU A 29 -8.29 11.32 -2.30
C GLU A 29 -7.01 10.65 -2.80
N ASP A 30 -5.85 11.12 -2.34
CA ASP A 30 -4.59 10.69 -2.96
C ASP A 30 -4.18 9.33 -2.46
N VAL A 31 -4.88 8.84 -1.45
CA VAL A 31 -4.83 7.42 -1.17
C VAL A 31 -6.24 6.85 -1.13
N ASP A 32 -6.51 5.89 -1.98
CA ASP A 32 -7.72 5.13 -1.86
C ASP A 32 -7.36 3.67 -1.71
N ALA A 33 -7.42 3.17 -0.50
CA ALA A 33 -6.99 1.81 -0.25
C ALA A 33 -8.17 0.93 0.09
N ALA A 34 -8.36 -0.13 -0.67
CA ALA A 34 -9.42 -1.08 -0.39
C ALA A 34 -8.82 -2.45 -0.16
N PHE A 35 -8.97 -2.98 1.01
CA PHE A 35 -8.34 -4.23 1.29
C PHE A 35 -9.39 -5.17 1.80
N THR A 36 -9.38 -6.37 1.26
CA THR A 36 -10.36 -7.35 1.58
C THR A 36 -9.69 -8.58 2.12
N ASP A 37 -10.46 -9.52 2.60
CA ASP A 37 -9.90 -10.68 3.23
C ASP A 37 -9.01 -11.41 2.28
N THR A 38 -9.32 -11.34 1.02
CA THR A 38 -8.53 -12.04 0.07
C THR A 38 -8.15 -11.17 -1.14
N ASP A 39 -8.35 -9.87 -1.06
CA ASP A 39 -7.85 -9.01 -2.13
C ASP A 39 -7.43 -7.66 -1.56
N CYS A 40 -6.79 -6.81 -2.36
CA CYS A 40 -6.28 -5.54 -1.82
C CYS A 40 -6.06 -4.47 -2.88
N VAL A 41 -6.23 -3.24 -2.44
CA VAL A 41 -6.15 -2.05 -3.25
C VAL A 41 -5.40 -0.95 -2.54
N VAL A 42 -4.42 -0.45 -3.21
CA VAL A 42 -3.72 0.74 -2.83
C VAL A 42 -3.88 1.75 -3.94
N ARG A 43 -4.36 2.91 -3.64
CA ARG A 43 -4.46 3.91 -4.67
C ARG A 43 -3.77 5.20 -4.30
N PHE A 44 -2.95 5.66 -5.22
CA PHE A 44 -2.44 7.02 -5.21
C PHE A 44 -3.35 7.87 -6.09
N ALA A 45 -3.35 9.21 -5.94
CA ALA A 45 -4.36 10.05 -6.61
C ALA A 45 -4.48 9.75 -8.11
N GLY A 46 -3.39 9.35 -8.74
CA GLY A 46 -3.49 8.98 -10.14
C GLY A 46 -2.26 8.28 -10.68
N GLY A 47 -2.51 7.20 -11.41
CA GLY A 47 -1.47 6.50 -12.13
C GLY A 47 -0.84 5.39 -11.32
N GLN A 48 -0.51 5.70 -10.08
CA GLN A 48 0.18 4.79 -9.22
C GLN A 48 -0.80 4.12 -8.24
N GLN A 49 -1.11 2.87 -8.51
CA GLN A 49 -2.07 2.14 -7.73
C GLN A 49 -1.73 0.64 -7.74
N TRP A 50 -1.79 0.05 -6.56
CA TRP A 50 -1.21 -1.25 -6.27
C TRP A 50 -2.21 -2.00 -5.45
N GLY A 51 -1.92 -3.24 -5.18
CA GLY A 51 -2.82 -3.99 -4.38
C GLY A 51 -2.23 -5.27 -3.89
N GLY A 52 -3.09 -6.17 -3.52
CA GLY A 52 -2.69 -7.44 -2.98
C GLY A 52 -3.71 -8.48 -3.34
N VAL A 53 -3.35 -9.72 -3.21
CA VAL A 53 -4.17 -10.77 -3.72
C VAL A 53 -4.22 -11.89 -2.71
N PHE A 54 -5.29 -12.63 -2.78
CA PHE A 54 -5.63 -13.64 -1.83
C PHE A 54 -4.67 -14.78 -1.80
N TYR A 55 -4.18 -14.92 -0.62
CA TYR A 55 -3.62 -16.14 -0.18
C TYR A 55 -4.70 -16.85 0.58
N ALA A 56 -5.36 -16.07 1.43
CA ALA A 56 -6.17 -16.59 2.45
C ALA A 56 -6.82 -15.43 3.18
N GLU A 57 -7.80 -15.76 3.99
CA GLU A 57 -8.18 -15.02 5.24
C GLU A 57 -8.02 -13.51 5.20
N ILE A 58 -6.76 -13.12 5.16
CA ILE A 58 -6.28 -11.73 5.17
C ILE A 58 -7.34 -10.67 5.55
N LYS A 59 -7.78 -10.71 6.79
CA LYS A 59 -8.58 -9.61 7.29
C LYS A 59 -7.78 -8.83 8.29
N SER A 60 -6.63 -9.37 8.58
CA SER A 60 -5.61 -8.68 9.32
C SER A 60 -4.90 -7.67 8.43
N SER A 61 -4.60 -8.09 7.22
CA SER A 61 -4.08 -7.20 6.21
C SER A 61 -5.21 -6.38 5.60
N CYS A 62 -6.43 -6.79 5.91
CA CYS A 62 -7.63 -6.09 5.47
C CYS A 62 -7.81 -4.89 6.37
N ALA A 63 -6.95 -4.90 7.35
CA ALA A 63 -6.81 -3.82 8.28
C ALA A 63 -5.75 -2.86 7.74
N LYS A 64 -6.11 -1.61 7.56
CA LYS A 64 -5.30 -0.71 6.76
C LYS A 64 -5.14 0.64 7.42
N VAL A 65 -3.91 1.10 7.48
CA VAL A 65 -3.66 2.47 7.89
C VAL A 65 -2.84 3.20 6.85
N GLN A 66 -3.19 4.44 6.62
CA GLN A 66 -2.47 5.27 5.69
C GLN A 66 -2.11 6.61 6.30
N THR A 67 -0.99 7.15 5.87
CA THR A 67 -0.55 8.45 6.29
C THR A 67 -0.48 9.39 5.09
N ARG A 68 -1.12 10.53 5.18
CA ARG A 68 -0.91 11.62 4.25
C ARG A 68 -0.89 12.91 5.05
N LYS A 69 -0.01 13.82 4.69
CA LYS A 69 0.22 15.00 5.50
C LYS A 69 0.96 16.07 4.70
N GLY A 70 1.86 15.59 3.85
CA GLY A 70 2.70 16.47 3.11
C GLY A 70 3.01 15.92 1.74
N SER A 71 4.24 15.49 1.58
CA SER A 71 4.68 14.87 0.33
C SER A 71 4.80 13.36 0.50
N LEU A 72 4.26 12.82 1.59
CA LEU A 72 4.38 11.39 1.85
C LEU A 72 3.05 10.73 2.17
N LEU A 73 2.83 9.60 1.51
CA LEU A 73 1.65 8.76 1.69
C LEU A 73 2.11 7.40 2.16
N HIS A 74 1.44 6.85 3.14
CA HIS A 74 1.85 5.60 3.75
C HIS A 74 0.73 4.58 3.72
N LEU A 75 1.04 3.33 3.45
CA LEU A 75 0.15 2.26 3.83
C LEU A 75 0.89 1.47 4.85
N THR A 76 0.34 1.44 6.05
CA THR A 76 0.81 0.56 7.09
C THR A 76 -0.06 -0.68 7.09
N LEU A 77 0.54 -1.76 6.66
CA LEU A 77 -0.19 -2.98 6.42
C LEU A 77 0.26 -4.07 7.37
N PRO A 78 -0.62 -4.52 8.27
CA PRO A 78 -0.35 -5.68 9.13
C PRO A 78 0.02 -6.90 8.30
N LYS A 79 0.84 -7.75 8.90
CA LYS A 79 1.46 -8.88 8.20
C LYS A 79 0.42 -9.79 7.55
N LYS A 80 0.65 -10.05 6.26
CA LYS A 80 -0.20 -10.94 5.50
C LYS A 80 0.21 -12.39 5.70
N VAL A 81 1.16 -12.87 4.91
CA VAL A 81 1.70 -14.20 5.09
C VAL A 81 3.22 -14.14 5.05
N PRO A 82 3.85 -14.25 6.23
CA PRO A 82 5.30 -14.18 6.34
C PRO A 82 5.98 -15.50 5.95
N MET A 83 7.27 -15.41 5.63
CA MET A 83 8.15 -16.56 5.34
C MET A 83 7.85 -17.11 3.96
N LEU A 84 7.04 -16.37 3.24
CA LEU A 84 6.73 -16.63 1.86
C LEU A 84 7.29 -15.49 1.04
N THR A 85 7.87 -15.81 -0.09
CA THR A 85 8.64 -14.83 -0.81
C THR A 85 7.78 -14.11 -1.84
N TRP A 86 7.58 -12.82 -1.62
CA TRP A 86 6.74 -12.02 -2.48
C TRP A 86 7.60 -11.27 -3.47
N PRO A 87 7.37 -11.51 -4.77
CA PRO A 87 8.07 -10.82 -5.85
C PRO A 87 7.89 -9.32 -5.76
N SER A 88 6.73 -8.93 -5.25
CA SER A 88 6.37 -7.55 -5.13
C SER A 88 5.27 -7.38 -4.08
N LEU A 89 5.20 -6.18 -3.54
CA LEU A 89 4.12 -5.76 -2.63
C LEU A 89 2.79 -5.95 -3.31
N LEU A 90 2.78 -5.67 -4.60
CA LEU A 90 1.57 -5.68 -5.37
C LEU A 90 1.54 -6.96 -6.16
N VAL A 91 0.45 -7.66 -6.05
CA VAL A 91 0.31 -8.93 -6.69
C VAL A 91 -1.11 -9.03 -7.17
N GLU A 92 -1.34 -9.74 -8.25
CA GLU A 92 -2.68 -9.83 -8.77
C GLU A 92 -2.74 -10.80 -9.95
#